data_8XXW
#
_entry.id   8XXW
#
_cell.length_a   1.00
_cell.length_b   1.00
_cell.length_c   1.00
_cell.angle_alpha   90.00
_cell.angle_beta   90.00
_cell.angle_gamma   90.00
#
_symmetry.space_group_name_H-M   'P 1'
#
loop_
_entity.id
_entity.type
_entity.pdbx_description
1 polymer 'Processed angiotensin-converting enzyme 2'
2 polymer 'Spike protein S1'
3 polymer 'M2-7-Heavy chain'
4 polymer 'M2-7-Light chain'
5 non-polymer 'ZINC ION'
6 non-polymer 2-acetamido-2-deoxy-beta-D-glucopyranose
#
loop_
_entity_poly.entity_id
_entity_poly.type
_entity_poly.pdbx_seq_one_letter_code
_entity_poly.pdbx_strand_id
1 'polypeptide(L)'
;STIEEQAKTFLDKFNHEAEDLFYQSSLASWNYNTNITEENVQNMNNAGDKWSAFLKEQSTLAQMYPLQEIQNLTVKLQLQ
ALQQNGSSVLSEDKSKRLNTILNTMSTIYSTGKVCNPDNPQECLLLEPGLNEIMANSLDYNERLWAWESWRSEVGKQLRP
LYEEYVVLKNEMARANHYEDYGDYWRGDYEVNGVDGYDYSRGQLIEDVEHTFEEIKPLYEHLHAYVRAKLMNAYPSYISP
IGCLPAHLLGDMWGRFWTNLYSLTVPFGQKPNIDVTDAMVDQAWDAQRIFKEAEKFFVSVGLPNMTQGFWENSMLTDPGN
VQKAVCHPTAWDLGKGDFRILMCTKVTMDDFLTAHHEMGHIQYDMAYAAQPFLLRNGANEGFHEAVGEIMSLSAATPKHL
KSIGLLSPDFQEDNETEINFLLKQALTIVGTLPFTYMLEKWRWMVFKGEIPKDQWMKKWWEMKREIVGVVEPVPHDETYC
DPASLFHVSNDYSFIRYYTRTLYQFQFQEALCQAAKHEGPLHKCDISNSTEAGQKLFNMLRLGKSEPWTLALENVVGAKN
MNVRPLLNYFEPLFTWLKDQN
;
A
2 'polypeptide(L)'
;CPFGEVFNATRFASVYAWNRKRISNCVADYSVLYNSASFSTFKCYGVSPTKLNDLCFTNVYADSFVIRGDEVRQIAPGQT
GKIADYNYKLPDDFTGCVIAWNSNNLDSKVGGNYNYLYRLFRKSNLKPFERDISTEIYQAGSTPCNGVEGFNCYFPLQSY
GFQPTNGVGYQPYRVVVLSF
;
E
3 'polypeptide(L)'
;EVQLQQSGAELVKPGASVKLSCTASGFNIKDTYMNWVRQRPKQGLEWIGRIDPANGNTKYDPKFQGKATITADTSSNIAY
LQLSGLTSEDTAVYYCARFDYDGYYVHVMDYWGQGTSVTV
;
H
4 'polypeptide(L)'
;DIKMTQSPSSMYASLGERVTITCKASQDINSYLSWFQQKPGKSPKTLIYRANRLVDGVPSRFSGSGSGQDYSLTINSLEY
EDMGIYYCLQYDEFPFTFGSGTKLEIK
;
L
#
loop_
_chem_comp.id
_chem_comp.type
_chem_comp.name
_chem_comp.formula
NAG D-saccharide, beta linking 2-acetamido-2-deoxy-beta-D-glucopyranose 'C8 H15 N O6'
ZN non-polymer 'ZINC ION' 'Zn 2'
#
# COMPACT_ATOMS: atom_id res chain seq x y z
N SER A 1 6.13 -15.59 -20.45
CA SER A 1 5.50 -16.53 -21.38
C SER A 1 4.08 -16.11 -21.71
N THR A 2 3.12 -16.66 -20.98
CA THR A 2 1.72 -16.33 -21.21
C THR A 2 1.41 -14.93 -20.68
N ILE A 3 0.26 -14.40 -21.10
CA ILE A 3 -0.11 -13.03 -20.75
C ILE A 3 -0.30 -12.87 -19.25
N GLU A 4 -0.82 -13.90 -18.57
CA GLU A 4 -1.17 -13.78 -17.17
C GLU A 4 0.06 -13.48 -16.30
N GLU A 5 1.18 -14.17 -16.56
CA GLU A 5 2.39 -13.92 -15.78
C GLU A 5 2.92 -12.51 -16.01
N GLN A 6 2.88 -12.03 -17.26
CA GLN A 6 3.31 -10.67 -17.54
C GLN A 6 2.44 -9.65 -16.82
N ALA A 7 1.12 -9.88 -16.81
CA ALA A 7 0.22 -8.99 -16.08
C ALA A 7 0.51 -9.01 -14.59
N LYS A 8 0.79 -10.19 -14.04
CA LYS A 8 1.12 -10.29 -12.62
C LYS A 8 2.39 -9.51 -12.30
N THR A 9 3.41 -9.62 -13.15
CA THR A 9 4.65 -8.86 -12.94
C THR A 9 4.38 -7.35 -13.01
N PHE A 10 3.58 -6.92 -13.98
CA PHE A 10 3.26 -5.51 -14.11
C PHE A 10 2.54 -4.99 -12.88
N LEU A 11 1.57 -5.76 -12.37
CA LEU A 11 0.85 -5.34 -11.18
C LEU A 11 1.77 -5.31 -9.96
N ASP A 12 2.71 -6.25 -9.87
CA ASP A 12 3.66 -6.26 -8.77
C ASP A 12 4.50 -5.00 -8.76
N LYS A 13 4.97 -4.56 -9.93
CA LYS A 13 5.73 -3.31 -9.98
C LYS A 13 4.84 -2.11 -9.66
N PHE A 14 3.62 -2.09 -10.21
CA PHE A 14 2.73 -0.96 -10.04
C PHE A 14 2.39 -0.73 -8.57
N ASN A 15 2.11 -1.81 -7.84
CA ASN A 15 1.76 -1.67 -6.43
C ASN A 15 2.89 -1.01 -5.65
N HIS A 16 4.12 -1.44 -5.90
CA HIS A 16 5.26 -0.97 -5.12
C HIS A 16 5.58 0.49 -5.42
N GLU A 17 5.37 0.95 -6.66
CA GLU A 17 5.52 2.38 -6.91
C GLU A 17 4.36 3.19 -6.33
N ALA A 18 3.14 2.69 -6.50
CA ALA A 18 1.96 3.45 -6.14
C ALA A 18 1.88 3.66 -4.64
N GLU A 19 2.34 2.69 -3.85
CA GLU A 19 2.29 2.84 -2.40
C GLU A 19 3.02 4.11 -1.94
N ASP A 20 4.27 4.26 -2.35
CA ASP A 20 5.05 5.42 -1.95
C ASP A 20 4.48 6.70 -2.52
N LEU A 21 4.09 6.70 -3.80
CA LEU A 21 3.59 7.94 -4.38
C LEU A 21 2.30 8.40 -3.70
N PHE A 22 1.38 7.46 -3.44
CA PHE A 22 0.14 7.80 -2.75
C PHE A 22 0.41 8.26 -1.32
N TYR A 23 1.40 7.65 -0.65
CA TYR A 23 1.73 8.10 0.69
C TYR A 23 2.20 9.55 0.69
N GLN A 24 3.05 9.91 -0.27
CA GLN A 24 3.50 11.30 -0.34
C GLN A 24 2.35 12.25 -0.61
N SER A 25 1.47 11.88 -1.54
CA SER A 25 0.33 12.75 -1.86
C SER A 25 -0.56 12.95 -0.63
N SER A 26 -0.88 11.86 0.07
CA SER A 26 -1.74 11.96 1.24
C SER A 26 -1.08 12.75 2.37
N LEU A 27 0.24 12.60 2.52
CA LEU A 27 0.94 13.37 3.54
C LEU A 27 0.87 14.87 3.25
N ALA A 28 1.04 15.25 1.98
CA ALA A 28 0.91 16.65 1.62
C ALA A 28 -0.50 17.16 1.88
N SER A 29 -1.51 16.36 1.53
CA SER A 29 -2.89 16.77 1.77
C SER A 29 -3.16 16.97 3.26
N TRP A 30 -2.68 16.05 4.09
CA TRP A 30 -2.84 16.20 5.53
C TRP A 30 -2.14 17.44 6.04
N ASN A 31 -0.93 17.70 5.56
CA ASN A 31 -0.21 18.89 6.00
C ASN A 31 -0.96 20.16 5.65
N TYR A 32 -1.64 20.18 4.50
CA TYR A 32 -2.47 21.34 4.17
C TYR A 32 -3.68 21.44 5.10
N ASN A 33 -4.37 20.31 5.32
CA ASN A 33 -5.69 20.38 5.95
C ASN A 33 -5.61 20.88 7.39
N THR A 34 -4.50 20.64 8.09
CA THR A 34 -4.35 21.07 9.47
C THR A 34 -3.66 22.41 9.61
N ASN A 35 -3.23 23.03 8.50
CA ASN A 35 -2.56 24.33 8.56
C ASN A 35 -2.70 24.98 7.18
N ILE A 36 -3.47 26.06 7.11
CA ILE A 36 -3.82 26.69 5.85
C ILE A 36 -2.80 27.79 5.58
N THR A 37 -1.80 27.48 4.74
CA THR A 37 -0.79 28.44 4.31
C THR A 37 -0.51 28.22 2.84
N GLU A 38 0.11 29.23 2.21
CA GLU A 38 0.36 29.16 0.77
C GLU A 38 1.33 28.03 0.42
N GLU A 39 2.38 27.86 1.24
CA GLU A 39 3.36 26.81 0.96
C GLU A 39 2.73 25.43 1.05
N ASN A 40 1.81 25.23 2.00
CA ASN A 40 1.10 23.97 2.10
C ASN A 40 0.29 23.69 0.84
N VAL A 41 -0.39 24.72 0.30
CA VAL A 41 -1.13 24.55 -0.94
C VAL A 41 -0.20 24.19 -2.08
N GLN A 42 0.97 24.85 -2.13
CA GLN A 42 1.92 24.55 -3.19
C GLN A 42 2.35 23.09 -3.15
N ASN A 43 2.72 22.60 -1.95
CA ASN A 43 3.11 21.20 -1.82
C ASN A 43 1.98 20.26 -2.20
N MET A 44 0.75 20.60 -1.79
CA MET A 44 -0.41 19.80 -2.14
C MET A 44 -0.56 19.68 -3.65
N ASN A 45 -0.47 20.81 -4.36
CA ASN A 45 -0.65 20.78 -5.81
C ASN A 45 0.44 19.98 -6.49
N ASN A 46 1.70 20.18 -6.09
CA ASN A 46 2.77 19.40 -6.72
C ASN A 46 2.59 17.90 -6.49
N ALA A 47 2.24 17.50 -5.27
CA ALA A 47 2.00 16.08 -5.01
C ALA A 47 0.85 15.55 -5.85
N GLY A 48 -0.23 16.32 -5.98
CA GLY A 48 -1.36 15.87 -6.76
C GLY A 48 -1.03 15.69 -8.22
N ASP A 49 -0.31 16.66 -8.81
CA ASP A 49 0.08 16.51 -10.21
C ASP A 49 1.00 15.32 -10.42
N LYS A 50 1.94 15.11 -9.49
CA LYS A 50 2.83 13.95 -9.62
C LYS A 50 2.04 12.65 -9.61
N TRP A 51 1.11 12.52 -8.66
CA TRP A 51 0.31 11.29 -8.57
C TRP A 51 -0.54 11.09 -9.82
N SER A 52 -1.18 12.17 -10.31
CA SER A 52 -2.02 12.06 -11.49
C SER A 52 -1.20 11.66 -12.72
N ALA A 53 -0.03 12.26 -12.90
CA ALA A 53 0.81 11.91 -14.05
C ALA A 53 1.25 10.45 -13.98
N PHE A 54 1.66 9.99 -12.80
CA PHE A 54 2.07 8.59 -12.66
C PHE A 54 0.92 7.66 -12.98
N LEU A 55 -0.28 7.97 -12.48
CA LEU A 55 -1.43 7.09 -12.73
C LEU A 55 -1.79 7.08 -14.21
N LYS A 56 -1.72 8.23 -14.87
CA LYS A 56 -2.01 8.29 -16.31
C LYS A 56 -1.02 7.43 -17.09
N GLU A 57 0.27 7.57 -16.79
CA GLU A 57 1.27 6.77 -17.48
C GLU A 57 1.07 5.28 -17.25
N GLN A 58 0.75 4.91 -16.00
CA GLN A 58 0.55 3.49 -15.70
C GLN A 58 -0.68 2.94 -16.40
N SER A 59 -1.75 3.73 -16.49
CA SER A 59 -2.93 3.28 -17.23
C SER A 59 -2.62 3.08 -18.70
N THR A 60 -1.87 4.03 -19.29
CA THR A 60 -1.50 3.88 -20.69
C THR A 60 -0.67 2.63 -20.92
N LEU A 61 0.27 2.35 -20.00
CA LEU A 61 1.07 1.12 -20.11
C LEU A 61 0.19 -0.12 -19.92
N ALA A 62 -0.77 -0.05 -18.99
CA ALA A 62 -1.57 -1.23 -18.65
C ALA A 62 -2.54 -1.59 -19.75
N GLN A 63 -2.97 -0.62 -20.56
CA GLN A 63 -3.95 -0.95 -21.59
C GLN A 63 -3.43 -1.90 -22.67
N MET A 64 -2.20 -2.40 -22.56
CA MET A 64 -1.65 -3.32 -23.54
C MET A 64 -1.87 -4.79 -23.20
N TYR A 65 -2.47 -5.10 -22.05
CA TYR A 65 -2.75 -6.48 -21.68
C TYR A 65 -4.23 -6.77 -21.88
N PRO A 66 -4.60 -7.62 -22.83
CA PRO A 66 -6.02 -7.88 -23.10
C PRO A 66 -6.68 -8.69 -21.98
N LEU A 67 -7.92 -8.32 -21.67
CA LEU A 67 -8.67 -8.96 -20.60
C LEU A 67 -9.30 -10.28 -21.01
N GLN A 68 -9.22 -10.65 -22.29
CA GLN A 68 -9.92 -11.84 -22.76
C GLN A 68 -9.23 -13.12 -22.30
N GLU A 69 -7.90 -13.11 -22.17
CA GLU A 69 -7.12 -14.30 -21.86
C GLU A 69 -6.58 -14.27 -20.44
N ILE A 70 -7.39 -13.76 -19.51
CA ILE A 70 -7.09 -13.80 -18.07
C ILE A 70 -8.17 -14.62 -17.40
N GLN A 71 -7.76 -15.69 -16.70
CA GLN A 71 -8.70 -16.53 -15.97
C GLN A 71 -8.75 -16.23 -14.48
N ASN A 72 -7.63 -15.81 -13.90
CA ASN A 72 -7.61 -15.46 -12.48
C ASN A 72 -8.45 -14.21 -12.25
N LEU A 73 -9.34 -14.28 -11.26
CA LEU A 73 -10.34 -13.22 -11.08
C LEU A 73 -9.73 -11.96 -10.47
N THR A 74 -8.84 -12.12 -9.49
CA THR A 74 -8.25 -10.95 -8.85
C THR A 74 -7.40 -10.14 -9.81
N VAL A 75 -6.61 -10.82 -10.65
CA VAL A 75 -5.82 -10.13 -11.67
C VAL A 75 -6.73 -9.42 -12.65
N LYS A 76 -7.83 -10.06 -13.04
CA LYS A 76 -8.79 -9.42 -13.93
C LYS A 76 -9.36 -8.16 -13.29
N LEU A 77 -9.72 -8.23 -12.01
CA LEU A 77 -10.28 -7.07 -11.33
C LEU A 77 -9.28 -5.92 -11.27
N GLN A 78 -8.03 -6.22 -10.92
CA GLN A 78 -7.02 -5.16 -10.85
C GLN A 78 -6.76 -4.55 -12.22
N LEU A 79 -6.66 -5.38 -13.26
CA LEU A 79 -6.45 -4.85 -14.60
C LEU A 79 -7.63 -4.01 -15.05
N GLN A 80 -8.85 -4.46 -14.75
CA GLN A 80 -10.04 -3.69 -15.11
C GLN A 80 -10.05 -2.34 -14.41
N ALA A 81 -9.67 -2.32 -13.13
CA ALA A 81 -9.61 -1.05 -12.41
C ALA A 81 -8.51 -0.14 -12.95
N LEU A 82 -7.44 -0.72 -13.49
CA LEU A 82 -6.31 0.09 -13.96
C LEU A 82 -6.45 0.57 -15.40
N GLN A 83 -7.21 -0.13 -16.24
CA GLN A 83 -7.29 0.21 -17.65
C GLN A 83 -8.30 1.30 -17.97
N GLN A 84 -9.09 1.75 -16.99
CA GLN A 84 -10.07 2.79 -17.25
C GLN A 84 -9.37 4.14 -17.46
N ASN A 85 -9.38 4.62 -18.70
CA ASN A 85 -8.68 5.87 -19.00
C ASN A 85 -9.42 7.07 -18.41
N GLY A 86 -10.73 7.12 -18.58
CA GLY A 86 -11.52 8.20 -18.02
C GLY A 86 -11.49 9.48 -18.81
N SER A 87 -11.21 10.61 -18.14
CA SER A 87 -11.30 11.91 -18.78
C SER A 87 -10.33 12.08 -19.94
N SER A 88 -9.26 11.28 -19.98
CA SER A 88 -8.33 11.34 -21.10
C SER A 88 -8.94 10.84 -22.40
N VAL A 89 -10.12 10.22 -22.35
CA VAL A 89 -10.75 9.71 -23.56
C VAL A 89 -11.19 10.86 -24.48
N LEU A 90 -11.28 12.07 -23.95
CA LEU A 90 -11.68 13.22 -24.76
C LEU A 90 -10.45 13.96 -25.29
N SER A 91 -10.72 14.96 -26.12
CA SER A 91 -9.64 15.78 -26.66
C SER A 91 -9.08 16.69 -25.58
N GLU A 92 -7.90 17.25 -25.86
CA GLU A 92 -7.23 18.12 -24.90
C GLU A 92 -8.05 19.39 -24.65
N ASP A 93 -8.61 19.97 -25.71
CA ASP A 93 -9.41 21.18 -25.54
C ASP A 93 -10.65 20.91 -24.69
N LYS A 94 -11.34 19.79 -24.95
CA LYS A 94 -12.51 19.44 -24.16
C LYS A 94 -12.13 19.18 -22.70
N SER A 95 -11.00 18.52 -22.48
CA SER A 95 -10.56 18.27 -21.10
C SER A 95 -10.26 19.57 -20.36
N LYS A 96 -9.56 20.49 -21.02
CA LYS A 96 -9.28 21.78 -20.39
C LYS A 96 -10.57 22.54 -20.11
N ARG A 97 -11.51 22.53 -21.06
CA ARG A 97 -12.80 23.17 -20.85
C ARG A 97 -13.52 22.58 -19.65
N LEU A 98 -13.52 21.24 -19.56
CA LEU A 98 -14.24 20.58 -18.47
C LEU A 98 -13.60 20.90 -17.12
N ASN A 99 -12.27 20.92 -17.05
CA ASN A 99 -11.62 21.24 -15.78
C ASN A 99 -11.89 22.69 -15.39
N THR A 100 -11.82 23.61 -16.35
CA THR A 100 -12.13 25.00 -16.08
C THR A 100 -13.57 25.15 -15.60
N ILE A 101 -14.49 24.40 -16.19
CA ILE A 101 -15.89 24.47 -15.80
C ILE A 101 -16.08 23.90 -14.39
N LEU A 102 -15.35 22.84 -14.05
CA LEU A 102 -15.39 22.32 -12.68
C LEU A 102 -14.96 23.37 -11.68
N ASN A 103 -13.83 24.05 -11.97
CA ASN A 103 -13.36 25.11 -11.08
C ASN A 103 -14.38 26.25 -11.02
N THR A 104 -15.01 26.56 -12.15
CA THR A 104 -16.02 27.62 -12.19
C THR A 104 -17.21 27.25 -11.31
N MET A 105 -17.68 26.01 -11.39
CA MET A 105 -18.79 25.58 -10.55
C MET A 105 -18.42 25.69 -9.08
N SER A 106 -17.22 25.24 -8.73
CA SER A 106 -16.78 25.31 -7.33
C SER A 106 -16.75 26.74 -6.84
N THR A 107 -16.19 27.66 -7.64
CA THR A 107 -16.04 29.03 -7.16
C THR A 107 -17.38 29.77 -7.12
N ILE A 108 -18.27 29.52 -8.08
CA ILE A 108 -19.56 30.19 -8.04
C ILE A 108 -20.38 29.66 -6.87
N TYR A 109 -20.26 28.36 -6.59
CA TYR A 109 -20.97 27.80 -5.43
C TYR A 109 -20.44 28.39 -4.14
N LEU A 126 -24.24 30.83 1.44
CA LEU A 126 -25.04 29.69 1.86
C LEU A 126 -24.70 29.27 3.28
N GLU A 127 -23.42 29.32 3.64
CA GLU A 127 -22.92 28.90 4.94
C GLU A 127 -22.13 30.02 5.57
N PRO A 128 -22.30 30.29 6.88
CA PRO A 128 -23.27 29.69 7.81
C PRO A 128 -24.54 30.52 7.98
N GLY A 129 -24.74 31.53 7.13
CA GLY A 129 -25.85 32.44 7.30
C GLY A 129 -27.21 31.84 7.02
N LEU A 130 -27.48 31.51 5.76
CA LEU A 130 -28.81 31.04 5.36
C LEU A 130 -29.16 29.73 6.05
N ASN A 131 -28.18 28.83 6.18
CA ASN A 131 -28.44 27.55 6.82
C ASN A 131 -28.97 27.75 8.23
N GLU A 132 -28.31 28.60 9.02
CA GLU A 132 -28.79 28.88 10.37
C GLU A 132 -30.11 29.64 10.33
N ILE A 133 -30.28 30.54 9.35
CA ILE A 133 -31.50 31.33 9.27
C ILE A 133 -32.72 30.44 9.14
N MET A 134 -32.69 29.51 8.19
CA MET A 134 -33.80 28.58 8.03
C MET A 134 -33.72 27.37 8.95
N ALA A 135 -32.65 27.24 9.73
CA ALA A 135 -32.60 26.22 10.77
C ALA A 135 -33.18 26.67 12.09
N ASN A 136 -33.23 27.98 12.36
CA ASN A 136 -33.69 28.44 13.66
C ASN A 136 -34.89 29.39 13.57
N SER A 137 -34.87 30.32 12.62
CA SER A 137 -35.92 31.32 12.52
C SER A 137 -37.24 30.67 12.13
N LEU A 138 -38.32 31.13 12.77
CA LEU A 138 -39.66 30.58 12.56
C LEU A 138 -40.56 31.50 11.76
N ASP A 139 -40.01 32.56 11.16
CA ASP A 139 -40.82 33.51 10.41
C ASP A 139 -41.01 32.99 9.00
N TYR A 140 -42.27 32.90 8.57
CA TYR A 140 -42.59 32.40 7.24
C TYR A 140 -42.00 33.28 6.15
N ASN A 141 -42.11 34.60 6.32
CA ASN A 141 -41.67 35.54 5.28
C ASN A 141 -40.17 35.43 5.04
N GLU A 142 -39.39 35.36 6.12
CA GLU A 142 -37.94 35.25 5.97
C GLU A 142 -37.54 33.97 5.24
N ARG A 143 -38.15 32.85 5.62
CA ARG A 143 -37.85 31.58 4.96
C ARG A 143 -38.21 31.62 3.48
N LEU A 144 -39.40 32.12 3.16
CA LEU A 144 -39.83 32.16 1.76
C LEU A 144 -38.94 33.07 0.94
N TRP A 145 -38.60 34.25 1.47
CA TRP A 145 -37.74 35.18 0.73
C TRP A 145 -36.35 34.58 0.52
N ALA A 146 -35.78 33.96 1.56
CA ALA A 146 -34.45 33.36 1.42
C ALA A 146 -34.47 32.22 0.40
N TRP A 147 -35.52 31.38 0.44
CA TRP A 147 -35.63 30.29 -0.52
C TRP A 147 -35.69 30.82 -1.95
N GLU A 148 -36.58 31.80 -2.19
CA GLU A 148 -36.73 32.36 -3.53
C GLU A 148 -35.44 33.02 -4.00
N SER A 149 -34.80 33.79 -3.12
CA SER A 149 -33.58 34.49 -3.51
C SER A 149 -32.46 33.50 -3.83
N TRP A 150 -32.31 32.45 -3.02
CA TRP A 150 -31.23 31.49 -3.26
C TRP A 150 -31.47 30.73 -4.57
N ARG A 151 -32.72 30.36 -4.86
CA ARG A 151 -32.97 29.65 -6.11
C ARG A 151 -33.02 30.58 -7.32
N SER A 152 -33.15 31.89 -7.12
CA SER A 152 -33.17 32.81 -8.25
C SER A 152 -31.80 33.40 -8.57
N GLU A 153 -30.90 33.46 -7.59
CA GLU A 153 -29.61 34.11 -7.79
C GLU A 153 -28.61 33.20 -8.49
N VAL A 154 -28.29 32.06 -7.86
CA VAL A 154 -27.20 31.22 -8.36
C VAL A 154 -27.65 30.26 -9.45
N GLY A 155 -28.89 29.77 -9.38
CA GLY A 155 -29.34 28.79 -10.35
C GLY A 155 -29.39 29.34 -11.77
N LYS A 156 -30.00 30.51 -11.95
CA LYS A 156 -30.17 31.09 -13.28
C LYS A 156 -28.83 31.25 -13.98
N GLN A 157 -27.77 31.55 -13.23
CA GLN A 157 -26.44 31.63 -13.84
C GLN A 157 -25.96 30.28 -14.30
N LEU A 158 -26.26 29.22 -13.55
CA LEU A 158 -25.67 27.91 -13.78
C LEU A 158 -26.52 27.00 -14.66
N ARG A 159 -27.70 27.43 -15.07
CA ARG A 159 -28.54 26.56 -15.91
C ARG A 159 -27.86 26.22 -17.24
N PRO A 160 -27.42 27.18 -18.06
CA PRO A 160 -26.70 26.81 -19.29
C PRO A 160 -25.38 26.12 -19.00
N LEU A 161 -24.70 26.51 -17.93
CA LEU A 161 -23.47 25.83 -17.55
C LEU A 161 -23.74 24.38 -17.19
N TYR A 162 -24.83 24.12 -16.46
CA TYR A 162 -25.20 22.74 -16.17
C TYR A 162 -25.53 21.98 -17.44
N GLU A 163 -26.21 22.62 -18.39
CA GLU A 163 -26.53 21.95 -19.65
C GLU A 163 -25.27 21.54 -20.39
N GLU A 164 -24.34 22.48 -20.56
CA GLU A 164 -23.11 22.16 -21.30
C GLU A 164 -22.23 21.18 -20.55
N TYR A 165 -22.23 21.24 -19.21
CA TYR A 165 -21.51 20.25 -18.41
C TYR A 165 -22.09 18.86 -18.60
N VAL A 166 -23.42 18.75 -18.62
CA VAL A 166 -24.07 17.48 -18.92
C VAL A 166 -23.65 17.00 -20.30
N VAL A 167 -23.59 17.91 -21.28
CA VAL A 167 -23.21 17.52 -22.63
C VAL A 167 -21.77 16.98 -22.66
N LEU A 168 -20.86 17.66 -21.97
CA LEU A 168 -19.46 17.22 -21.97
C LEU A 168 -19.30 15.87 -21.29
N LYS A 169 -19.90 15.69 -20.12
CA LYS A 169 -19.86 14.38 -19.48
C LYS A 169 -20.56 13.33 -20.33
N ASN A 170 -21.57 13.74 -21.09
CA ASN A 170 -22.29 12.81 -21.96
C ASN A 170 -21.38 12.29 -23.07
N GLU A 171 -20.63 13.19 -23.69
CA GLU A 171 -19.67 12.80 -24.71
C GLU A 171 -18.56 11.93 -24.11
N MET A 172 -18.10 12.28 -22.91
CA MET A 172 -17.10 11.45 -22.24
C MET A 172 -17.64 10.04 -21.99
N ALA A 173 -18.91 9.93 -21.59
CA ALA A 173 -19.49 8.63 -21.30
C ALA A 173 -19.64 7.77 -22.55
N ARG A 174 -20.27 8.30 -23.61
CA ARG A 174 -20.30 7.57 -24.87
C ARG A 174 -18.93 7.33 -25.48
N ALA A 175 -17.91 8.07 -25.07
CA ALA A 175 -16.57 7.74 -25.55
C ALA A 175 -16.02 6.49 -24.88
N ASN A 176 -16.70 5.96 -23.86
CA ASN A 176 -16.25 4.77 -23.15
C ASN A 176 -17.26 3.63 -23.19
N HIS A 177 -18.14 3.62 -24.19
CA HIS A 177 -19.16 2.59 -24.40
C HIS A 177 -20.22 2.57 -23.30
N TYR A 178 -20.40 3.67 -22.59
CA TYR A 178 -21.49 3.81 -21.62
C TYR A 178 -22.66 4.53 -22.27
N GLU A 179 -23.87 3.99 -22.06
CA GLU A 179 -25.05 4.57 -22.70
C GLU A 179 -25.36 5.96 -22.17
N ASP A 180 -24.96 6.26 -20.93
CA ASP A 180 -25.17 7.57 -20.35
C ASP A 180 -24.24 7.73 -19.16
N TYR A 181 -24.07 8.99 -18.73
CA TYR A 181 -23.29 9.26 -17.52
C TYR A 181 -23.89 8.55 -16.31
N GLY A 182 -25.22 8.44 -16.27
CA GLY A 182 -25.85 7.67 -15.23
C GLY A 182 -25.44 6.21 -15.26
N ASP A 183 -25.22 5.65 -16.44
CA ASP A 183 -24.73 4.28 -16.54
C ASP A 183 -23.32 4.16 -15.97
N TYR A 184 -22.46 5.13 -16.27
CA TYR A 184 -21.11 5.14 -15.70
C TYR A 184 -21.18 5.24 -14.18
N TRP A 185 -22.10 6.04 -13.65
CA TRP A 185 -22.27 6.15 -12.21
C TRP A 185 -22.77 4.83 -11.62
N ARG A 186 -23.76 4.20 -12.27
CA ARG A 186 -24.31 2.94 -11.76
C ARG A 186 -23.32 1.79 -11.90
N GLY A 187 -22.28 1.95 -12.72
CA GLY A 187 -21.32 0.88 -12.95
C GLY A 187 -20.60 0.40 -11.70
N ASP A 188 -20.68 1.13 -10.59
CA ASP A 188 -20.05 0.69 -9.36
C ASP A 188 -20.74 -0.52 -8.75
N TYR A 189 -22.01 -0.75 -9.09
CA TYR A 189 -22.77 -1.88 -8.56
C TYR A 189 -22.73 -3.09 -9.47
N GLU A 190 -22.07 -3.00 -10.62
CA GLU A 190 -22.10 -4.08 -11.60
C GLU A 190 -21.08 -5.15 -11.26
N VAL A 191 -21.52 -6.42 -11.29
CA VAL A 191 -20.66 -7.56 -11.06
C VAL A 191 -20.79 -8.49 -12.26
N ASN A 192 -19.65 -8.89 -12.83
CA ASN A 192 -19.62 -9.72 -14.02
C ASN A 192 -18.61 -10.85 -13.85
N GLY A 193 -18.88 -11.96 -14.53
CA GLY A 193 -17.94 -13.06 -14.57
C GLY A 193 -18.03 -14.04 -13.42
N VAL A 194 -19.00 -13.89 -12.53
CA VAL A 194 -19.18 -14.82 -11.41
C VAL A 194 -20.58 -15.42 -11.53
N ASP A 195 -20.64 -16.75 -11.51
CA ASP A 195 -21.91 -17.44 -11.69
C ASP A 195 -22.75 -17.35 -10.42
N GLY A 196 -24.01 -16.94 -10.58
CA GLY A 196 -24.94 -16.87 -9.48
C GLY A 196 -24.94 -15.59 -8.69
N TYR A 197 -23.92 -14.74 -8.85
CA TYR A 197 -23.84 -13.48 -8.12
C TYR A 197 -23.71 -12.29 -9.08
N ASP A 198 -24.06 -12.47 -10.35
CA ASP A 198 -24.01 -11.39 -11.31
C ASP A 198 -25.04 -10.32 -10.97
N TYR A 199 -24.73 -9.08 -11.32
CA TYR A 199 -25.62 -7.97 -11.04
C TYR A 199 -25.53 -6.97 -12.19
N SER A 200 -26.59 -6.88 -12.99
CA SER A 200 -26.65 -5.93 -14.08
C SER A 200 -26.85 -4.51 -13.54
N ARG A 201 -26.61 -3.53 -14.40
CA ARG A 201 -26.67 -2.14 -13.98
C ARG A 201 -28.10 -1.63 -13.83
N GLY A 202 -29.04 -2.14 -14.63
CA GLY A 202 -30.44 -1.75 -14.48
C GLY A 202 -31.15 -2.43 -13.34
N GLN A 203 -30.57 -3.51 -12.81
CA GLN A 203 -31.14 -4.14 -11.63
C GLN A 203 -31.14 -3.18 -10.45
N LEU A 204 -30.19 -2.26 -10.40
CA LEU A 204 -30.18 -1.24 -9.36
C LEU A 204 -31.41 -0.33 -9.48
N ILE A 205 -31.72 0.11 -10.70
CA ILE A 205 -32.93 0.90 -10.91
C ILE A 205 -34.16 0.11 -10.45
N GLU A 206 -34.23 -1.15 -10.88
CA GLU A 206 -35.41 -1.96 -10.59
C GLU A 206 -35.62 -2.16 -9.09
N ASP A 207 -34.59 -2.62 -8.38
CA ASP A 207 -34.77 -2.89 -6.97
C ASP A 207 -34.84 -1.63 -6.12
N VAL A 208 -34.24 -0.52 -6.58
CA VAL A 208 -34.45 0.75 -5.89
C VAL A 208 -35.92 1.16 -5.98
N GLU A 209 -36.52 1.02 -7.16
CA GLU A 209 -37.94 1.35 -7.30
C GLU A 209 -38.80 0.45 -6.42
N HIS A 210 -38.51 -0.85 -6.40
CA HIS A 210 -39.29 -1.77 -5.58
CA HIS A 210 -39.28 -1.78 -5.58
C HIS A 210 -39.15 -1.44 -4.10
N THR A 211 -37.93 -1.15 -3.64
CA THR A 211 -37.72 -0.82 -2.23
C THR A 211 -38.39 0.49 -1.85
N PHE A 212 -38.39 1.48 -2.75
CA PHE A 212 -39.10 2.72 -2.43
C PHE A 212 -40.60 2.49 -2.38
N GLU A 213 -41.13 1.65 -3.28
CA GLU A 213 -42.55 1.31 -3.22
C GLU A 213 -42.89 0.66 -1.89
N GLU A 214 -41.99 -0.18 -1.37
CA GLU A 214 -42.21 -0.77 -0.05
C GLU A 214 -42.09 0.26 1.07
N ILE A 215 -41.18 1.23 0.92
CA ILE A 215 -40.95 2.24 1.95
C ILE A 215 -42.13 3.21 2.07
N LYS A 216 -42.82 3.47 0.96
CA LYS A 216 -43.77 4.59 0.88
C LYS A 216 -44.78 4.69 2.03
N PRO A 217 -45.41 3.62 2.53
CA PRO A 217 -46.45 3.81 3.56
C PRO A 217 -45.96 4.51 4.83
N LEU A 218 -44.78 4.13 5.34
CA LEU A 218 -44.27 4.76 6.55
C LEU A 218 -44.00 6.24 6.33
N TYR A 219 -43.43 6.59 5.18
CA TYR A 219 -43.21 7.99 4.87
C TYR A 219 -44.52 8.74 4.76
N GLU A 220 -45.54 8.12 4.17
CA GLU A 220 -46.85 8.77 4.08
C GLU A 220 -47.41 9.08 5.45
N HIS A 221 -47.35 8.10 6.36
CA HIS A 221 -47.87 8.31 7.71
C HIS A 221 -47.11 9.41 8.44
N LEU A 222 -45.77 9.37 8.36
CA LEU A 222 -44.99 10.38 9.07
C LEU A 222 -45.19 11.77 8.47
N HIS A 223 -45.28 11.86 7.15
CA HIS A 223 -45.54 13.15 6.51
C HIS A 223 -46.91 13.68 6.90
N ALA A 224 -47.90 12.79 7.03
CA ALA A 224 -49.21 13.22 7.50
C ALA A 224 -49.13 13.78 8.92
N TYR A 225 -48.40 13.10 9.79
CA TYR A 225 -48.21 13.61 11.15
C TYR A 225 -47.55 14.99 11.14
N VAL A 226 -46.47 15.13 10.37
CA VAL A 226 -45.72 16.38 10.37
C VAL A 226 -46.54 17.51 9.78
N ARG A 227 -47.30 17.23 8.71
CA ARG A 227 -48.11 18.28 8.10
C ARG A 227 -49.28 18.66 9.01
N ALA A 228 -49.81 17.70 9.78
CA ALA A 228 -50.84 18.03 10.75
C ALA A 228 -50.28 18.97 11.82
N LYS A 229 -49.07 18.68 12.30
CA LYS A 229 -48.45 19.58 13.27
C LYS A 229 -48.23 20.96 12.67
N LEU A 230 -47.76 21.03 11.42
CA LEU A 230 -47.52 22.32 10.79
C LEU A 230 -48.81 23.09 10.54
N MET A 231 -49.89 22.38 10.19
CA MET A 231 -51.19 23.03 10.05
C MET A 231 -51.65 23.59 11.38
N ASN A 232 -51.42 22.86 12.46
CA ASN A 232 -51.65 23.41 13.80
C ASN A 232 -50.74 24.62 14.05
N ALA A 233 -49.61 24.69 13.36
CA ALA A 233 -48.68 25.80 13.52
C ALA A 233 -48.91 26.92 12.51
N TYR A 234 -49.23 26.59 11.26
CA TYR A 234 -49.39 27.57 10.19
C TYR A 234 -50.78 27.40 9.57
N SER A 239 -53.07 23.65 3.20
CA SER A 239 -54.33 22.99 2.89
C SER A 239 -54.43 21.65 3.62
N PRO A 240 -55.64 21.26 4.03
CA PRO A 240 -55.78 19.98 4.74
C PRO A 240 -55.44 18.77 3.88
N ILE A 241 -55.51 18.88 2.56
CA ILE A 241 -55.23 17.76 1.66
C ILE A 241 -54.18 18.13 0.62
N GLY A 242 -53.49 19.25 0.79
CA GLY A 242 -52.45 19.66 -0.13
C GLY A 242 -51.08 19.10 0.23
N CYS A 243 -50.07 19.61 -0.47
CA CYS A 243 -48.70 19.21 -0.23
C CYS A 243 -48.01 20.21 0.69
N LEU A 244 -47.13 19.62 1.51
CA LEU A 244 -46.35 20.34 2.53
C LEU A 244 -45.57 21.51 1.92
N PRO A 245 -45.38 22.67 2.60
CA PRO A 245 -44.54 23.72 2.00
C PRO A 245 -43.08 23.31 1.87
N ALA A 246 -42.44 23.80 0.79
CA ALA A 246 -41.10 23.35 0.46
C ALA A 246 -40.04 23.97 1.36
N HIS A 247 -40.32 25.14 1.93
CA HIS A 247 -39.33 25.85 2.74
C HIS A 247 -39.54 25.67 4.23
N LEU A 248 -40.24 24.62 4.67
CA LEU A 248 -40.50 24.40 6.08
C LEU A 248 -39.94 23.06 6.58
N LEU A 249 -39.03 22.45 5.83
CA LEU A 249 -38.34 21.25 6.32
C LEU A 249 -37.16 21.56 7.22
N GLY A 250 -36.80 22.83 7.38
CA GLY A 250 -35.77 23.24 8.31
C GLY A 250 -34.43 23.56 7.68
N ASP A 251 -34.21 23.22 6.42
CA ASP A 251 -32.96 23.57 5.76
C ASP A 251 -33.29 24.19 4.40
N MET A 252 -32.24 24.40 3.59
CA MET A 252 -32.42 25.09 2.32
C MET A 252 -33.27 24.25 1.37
N TRP A 253 -33.07 22.94 1.37
CA TRP A 253 -33.68 22.08 0.36
C TRP A 253 -34.65 21.05 0.94
N GLY A 254 -34.51 20.68 2.20
CA GLY A 254 -35.31 19.62 2.76
C GLY A 254 -34.60 18.30 2.91
N ARG A 255 -33.27 18.32 3.09
CA ARG A 255 -32.51 17.08 3.16
C ARG A 255 -32.78 16.34 4.47
N PHE A 256 -32.83 17.05 5.59
CA PHE A 256 -33.09 16.46 6.88
C PHE A 256 -34.29 17.13 7.55
N TRP A 257 -35.03 16.34 8.33
CA TRP A 257 -36.18 16.84 9.07
C TRP A 257 -35.91 16.97 10.56
N THR A 258 -34.64 16.93 10.97
CA THR A 258 -34.32 17.08 12.38
C THR A 258 -34.69 18.46 12.91
N ASN A 259 -34.61 19.48 12.04
CA ASN A 259 -34.87 20.85 12.46
C ASN A 259 -36.30 21.05 12.96
N LEU A 260 -37.21 20.14 12.63
CA LEU A 260 -38.60 20.23 13.03
C LEU A 260 -38.89 19.52 14.35
N TYR A 261 -37.87 18.94 15.00
CA TYR A 261 -38.11 18.07 16.14
C TYR A 261 -38.94 18.76 17.22
N SER A 262 -38.50 19.96 17.65
CA SER A 262 -39.22 20.66 18.71
C SER A 262 -40.64 21.03 18.27
N LEU A 263 -40.82 21.28 16.97
CA LEU A 263 -42.15 21.61 16.46
C LEU A 263 -43.00 20.38 16.19
N THR A 264 -42.44 19.18 16.33
CA THR A 264 -43.15 17.95 15.99
C THR A 264 -43.05 16.87 17.06
N VAL A 265 -42.59 17.21 18.26
CA VAL A 265 -42.45 16.19 19.31
C VAL A 265 -43.84 15.70 19.72
N PRO A 266 -44.02 14.40 19.96
CA PRO A 266 -45.35 13.94 20.43
C PRO A 266 -45.67 14.40 21.83
N PHE A 267 -44.77 14.17 22.78
CA PHE A 267 -44.98 14.47 24.19
C PHE A 267 -44.07 15.64 24.54
N GLY A 268 -44.64 16.85 24.59
CA GLY A 268 -43.85 18.05 24.76
C GLY A 268 -43.34 18.32 26.16
N GLN A 269 -43.83 17.58 27.15
CA GLN A 269 -43.39 17.76 28.53
C GLN A 269 -42.39 16.71 28.99
N LYS A 270 -41.96 15.82 28.09
CA LYS A 270 -40.99 14.80 28.47
C LYS A 270 -39.60 15.22 28.01
N PRO A 271 -38.66 15.46 28.92
CA PRO A 271 -37.30 15.80 28.50
C PRO A 271 -36.62 14.62 27.82
N ASN A 272 -35.66 14.94 26.96
CA ASN A 272 -34.93 13.92 26.23
C ASN A 272 -33.62 13.56 26.93
N ILE A 273 -32.91 12.59 26.35
CA ILE A 273 -31.66 12.08 26.91
C ILE A 273 -30.52 12.89 26.32
N ASP A 274 -30.13 13.97 26.99
CA ASP A 274 -28.96 14.75 26.61
C ASP A 274 -27.98 14.67 27.78
N VAL A 275 -26.90 13.92 27.59
CA VAL A 275 -25.99 13.60 28.69
C VAL A 275 -24.88 14.62 28.77
N THR A 276 -25.00 15.73 28.03
CA THR A 276 -23.95 16.73 28.00
C THR A 276 -23.67 17.29 29.40
N ASP A 277 -24.73 17.49 30.19
CA ASP A 277 -24.57 17.96 31.56
C ASP A 277 -23.74 16.96 32.36
N ALA A 278 -24.02 15.66 32.20
CA ALA A 278 -23.26 14.64 32.90
C ALA A 278 -21.79 14.64 32.49
N MET A 279 -21.53 14.79 31.18
CA MET A 279 -20.14 14.83 30.73
C MET A 279 -19.39 16.04 31.30
N VAL A 280 -20.06 17.20 31.35
CA VAL A 280 -19.40 18.38 31.92
C VAL A 280 -19.17 18.20 33.41
N ASP A 281 -20.13 17.57 34.11
CA ASP A 281 -19.96 17.34 35.55
C ASP A 281 -18.78 16.41 35.83
N GLN A 282 -18.60 15.39 34.99
CA GLN A 282 -17.47 14.48 35.15
C GLN A 282 -16.19 14.99 34.49
N ALA A 283 -16.23 16.17 33.87
CA ALA A 283 -15.05 16.81 33.29
C ALA A 283 -14.40 15.92 32.23
N TRP A 284 -15.15 15.70 31.16
CA TRP A 284 -14.66 14.88 30.06
C TRP A 284 -13.86 15.73 29.07
N ASP A 285 -13.25 15.04 28.11
CA ASP A 285 -12.49 15.69 27.05
C ASP A 285 -12.48 14.77 25.84
N ALA A 286 -11.71 15.13 24.81
CA ALA A 286 -11.65 14.32 23.60
C ALA A 286 -10.99 12.97 23.87
N GLN A 287 -9.95 12.95 24.70
CA GLN A 287 -9.24 11.71 24.97
C GLN A 287 -10.17 10.68 25.61
N ARG A 288 -10.97 11.10 26.59
CA ARG A 288 -11.87 10.17 27.26
C ARG A 288 -12.90 9.61 26.27
N ILE A 289 -13.45 10.46 25.41
CA ILE A 289 -14.44 10.01 24.43
C ILE A 289 -13.84 8.98 23.49
N PHE A 290 -12.63 9.25 23.00
CA PHE A 290 -12.03 8.32 22.05
C PHE A 290 -11.59 7.02 22.72
N LYS A 291 -11.19 7.07 23.99
CA LYS A 291 -10.91 5.83 24.70
C LYS A 291 -12.19 5.03 24.94
N GLU A 292 -13.32 5.70 25.17
CA GLU A 292 -14.59 4.98 25.28
C GLU A 292 -14.95 4.29 23.97
N ALA A 293 -14.76 4.99 22.85
CA ALA A 293 -15.01 4.37 21.55
C ALA A 293 -14.09 3.17 21.33
N GLU A 294 -12.82 3.31 21.69
CA GLU A 294 -11.87 2.21 21.55
C GLU A 294 -12.29 1.02 22.41
N LYS A 295 -12.75 1.28 23.64
CA LYS A 295 -13.23 0.20 24.49
C LYS A 295 -14.43 -0.50 23.88
N PHE A 296 -15.36 0.27 23.31
CA PHE A 296 -16.52 -0.34 22.67
C PHE A 296 -16.11 -1.24 21.52
N PHE A 297 -15.16 -0.80 20.70
CA PHE A 297 -14.74 -1.61 19.56
C PHE A 297 -13.94 -2.84 20.01
N VAL A 298 -13.15 -2.71 21.08
CA VAL A 298 -12.40 -3.86 21.58
C VAL A 298 -13.34 -4.89 22.18
N SER A 299 -14.44 -4.45 22.80
CA SER A 299 -15.35 -5.39 23.45
C SER A 299 -15.94 -6.39 22.47
N VAL A 300 -16.13 -5.99 21.20
CA VAL A 300 -16.75 -6.88 20.22
C VAL A 300 -15.75 -7.76 19.50
N GLY A 301 -14.47 -7.67 19.83
CA GLY A 301 -13.47 -8.52 19.23
C GLY A 301 -12.63 -7.90 18.12
N LEU A 302 -12.60 -6.58 18.03
CA LEU A 302 -11.80 -5.91 17.01
C LEU A 302 -10.54 -5.31 17.62
N PRO A 303 -9.47 -5.18 16.84
CA PRO A 303 -8.22 -4.64 17.39
C PRO A 303 -8.36 -3.17 17.78
N ASN A 304 -7.52 -2.77 18.74
CA ASN A 304 -7.49 -1.39 19.17
C ASN A 304 -6.67 -0.55 18.21
N MET A 305 -6.72 0.77 18.40
CA MET A 305 -6.03 1.69 17.53
C MET A 305 -4.52 1.63 17.76
N THR A 306 -3.77 2.00 16.72
CA THR A 306 -2.32 1.95 16.76
C THR A 306 -1.75 3.16 17.51
N GLN A 307 -0.44 3.09 17.78
CA GLN A 307 0.23 4.20 18.46
C GLN A 307 0.25 5.46 17.60
N GLY A 308 0.37 5.30 16.28
CA GLY A 308 0.36 6.44 15.39
C GLY A 308 -0.94 7.22 15.44
N PHE A 309 -2.05 6.53 15.70
CA PHE A 309 -3.33 7.20 15.83
C PHE A 309 -3.31 8.21 16.96
N TRP A 310 -2.77 7.82 18.12
CA TRP A 310 -2.72 8.73 19.25
C TRP A 310 -1.61 9.77 19.11
N GLU A 311 -0.51 9.41 18.47
CA GLU A 311 0.62 10.34 18.35
C GLU A 311 0.39 11.41 17.30
N ASN A 312 -0.30 11.09 16.20
CA ASN A 312 -0.32 11.96 15.03
C ASN A 312 -1.66 12.60 14.73
N SER A 313 -2.74 12.16 15.34
CA SER A 313 -4.05 12.70 15.00
C SER A 313 -4.26 14.07 15.66
N MET A 314 -5.24 14.80 15.16
CA MET A 314 -5.64 16.09 15.69
C MET A 314 -7.07 15.95 16.19
N LEU A 315 -7.21 15.71 17.49
CA LEU A 315 -8.52 15.52 18.11
C LEU A 315 -9.04 16.77 18.80
N THR A 316 -8.32 17.89 18.71
CA THR A 316 -8.76 19.14 19.32
C THR A 316 -8.39 20.30 18.41
N ASP A 317 -9.12 21.40 18.56
CA ASP A 317 -8.88 22.58 17.75
C ASP A 317 -7.55 23.20 18.15
N PRO A 318 -6.65 23.47 17.19
CA PRO A 318 -5.32 24.02 17.50
C PRO A 318 -5.34 25.50 17.89
N GLY A 319 -6.19 25.84 18.86
CA GLY A 319 -6.28 27.21 19.31
C GLY A 319 -6.80 28.15 18.23
N ASN A 320 -6.36 29.40 18.33
CA ASN A 320 -6.71 30.42 17.37
C ASN A 320 -5.54 30.89 16.52
N VAL A 321 -4.32 30.48 16.87
CA VAL A 321 -3.14 30.93 16.13
C VAL A 321 -3.16 30.41 14.69
N GLN A 322 -3.52 29.15 14.51
CA GLN A 322 -3.54 28.52 13.20
C GLN A 322 -4.95 28.07 12.85
N LYS A 323 -5.28 28.12 11.57
CA LYS A 323 -6.60 27.75 11.07
C LYS A 323 -6.56 26.36 10.46
N ALA A 324 -7.66 25.62 10.62
CA ALA A 324 -7.75 24.27 10.10
C ALA A 324 -9.20 23.97 9.77
N VAL A 325 -9.41 22.92 8.98
CA VAL A 325 -10.73 22.47 8.61
C VAL A 325 -11.24 21.56 9.73
N CYS A 326 -12.33 21.96 10.37
CA CYS A 326 -12.84 21.25 11.54
C CYS A 326 -13.83 20.15 11.18
N HIS A 327 -14.05 19.89 9.90
CA HIS A 327 -14.92 18.79 9.50
C HIS A 327 -14.28 17.46 9.90
N PRO A 328 -15.00 16.59 10.61
CA PRO A 328 -14.40 15.33 11.06
C PRO A 328 -14.20 14.37 9.90
N THR A 329 -12.97 13.91 9.71
CA THR A 329 -12.65 12.97 8.64
C THR A 329 -11.77 11.86 9.17
N ALA A 330 -11.78 10.73 8.47
CA ALA A 330 -10.92 9.59 8.76
C ALA A 330 -9.92 9.41 7.62
N TRP A 331 -8.64 9.36 7.97
CA TRP A 331 -7.56 9.30 6.99
C TRP A 331 -6.87 7.94 7.06
N ASP A 332 -6.72 7.31 5.90
CA ASP A 332 -5.90 6.11 5.73
C ASP A 332 -4.75 6.42 4.76
N LEU A 333 -3.68 6.99 5.30
CA LEU A 333 -2.59 7.50 4.48
C LEU A 333 -1.82 6.40 3.77
N GLY A 334 -1.99 5.14 4.15
CA GLY A 334 -1.19 4.06 3.62
C GLY A 334 0.02 3.78 4.48
N LYS A 335 0.63 2.62 4.24
CA LYS A 335 1.78 2.15 5.01
C LYS A 335 1.46 2.07 6.49
N GLY A 336 0.25 1.63 6.82
CA GLY A 336 -0.14 1.48 8.20
C GLY A 336 -0.36 2.77 8.96
N ASP A 337 -0.68 3.86 8.27
CA ASP A 337 -0.90 5.15 8.90
C ASP A 337 -2.39 5.48 8.87
N PHE A 338 -3.00 5.57 10.04
CA PHE A 338 -4.42 5.87 10.19
C PHE A 338 -4.59 7.01 11.17
N ARG A 339 -5.46 7.97 10.83
CA ARG A 339 -5.62 9.17 11.64
C ARG A 339 -7.06 9.64 11.59
N ILE A 340 -7.42 10.50 12.54
CA ILE A 340 -8.75 11.11 12.60
C ILE A 340 -8.57 12.62 12.78
N LEU A 341 -9.26 13.40 11.96
CA LEU A 341 -9.26 14.85 12.05
C LEU A 341 -10.59 15.28 12.65
N MET A 342 -10.54 15.99 13.78
CA MET A 342 -11.75 16.37 14.48
C MET A 342 -11.49 17.61 15.33
N CYS A 343 -12.48 18.50 15.39
CA CYS A 343 -12.49 19.63 16.32
C CYS A 343 -13.51 19.28 17.39
N THR A 344 -13.05 18.60 18.43
CA THR A 344 -13.95 17.93 19.37
C THR A 344 -14.39 18.86 20.48
N LYS A 345 -15.71 18.96 20.66
CA LYS A 345 -16.32 19.59 21.81
C LYS A 345 -17.00 18.52 22.67
N VAL A 346 -17.24 18.85 23.93
CA VAL A 346 -17.76 17.87 24.89
C VAL A 346 -19.28 17.91 24.78
N THR A 347 -19.80 17.17 23.81
CA THR A 347 -21.24 17.00 23.60
C THR A 347 -21.52 15.55 23.28
N MET A 348 -22.80 15.20 23.19
CA MET A 348 -23.19 13.85 22.80
C MET A 348 -23.00 13.63 21.31
N ASP A 349 -23.23 14.67 20.50
CA ASP A 349 -23.06 14.53 19.05
C ASP A 349 -21.63 14.17 18.70
N ASP A 350 -20.66 14.79 19.36
CA ASP A 350 -19.27 14.38 19.19
C ASP A 350 -19.04 12.97 19.73
N PHE A 351 -19.71 12.63 20.84
CA PHE A 351 -19.58 11.30 21.41
C PHE A 351 -20.02 10.21 20.44
N LEU A 352 -20.94 10.53 19.52
CA LEU A 352 -21.36 9.56 18.51
C LEU A 352 -20.56 9.68 17.22
N THR A 353 -20.16 10.89 16.84
CA THR A 353 -19.33 11.05 15.65
C THR A 353 -17.98 10.40 15.83
N ALA A 354 -17.48 10.34 17.08
CA ALA A 354 -16.25 9.61 17.35
C ALA A 354 -16.41 8.13 17.01
N HIS A 355 -17.54 7.53 17.43
CA HIS A 355 -17.80 6.14 17.08
C HIS A 355 -17.89 5.96 15.56
N HIS A 356 -18.56 6.89 14.88
CA HIS A 356 -18.66 6.81 13.42
C HIS A 356 -17.28 6.80 12.76
N GLU A 357 -16.45 7.78 13.11
CA GLU A 357 -15.14 7.89 12.47
C GLU A 357 -14.24 6.71 12.84
N MET A 358 -14.34 6.22 14.07
CA MET A 358 -13.48 5.11 14.45
C MET A 358 -13.95 3.81 13.80
N GLY A 359 -15.24 3.68 13.51
CA GLY A 359 -15.70 2.58 12.69
C GLY A 359 -15.16 2.65 11.27
N HIS A 360 -15.14 3.86 10.70
CA HIS A 360 -14.48 4.04 9.41
C HIS A 360 -13.02 3.58 9.48
N ILE A 361 -12.32 3.97 10.54
CA ILE A 361 -10.92 3.60 10.69
C ILE A 361 -10.78 2.08 10.80
N GLN A 362 -11.66 1.44 11.58
CA GLN A 362 -11.60 -0.01 11.73
C GLN A 362 -11.80 -0.72 10.40
N TYR A 363 -12.76 -0.24 9.60
CA TYR A 363 -12.93 -0.81 8.26
C TYR A 363 -11.67 -0.62 7.43
N ASP A 364 -11.04 0.56 7.51
CA ASP A 364 -9.82 0.78 6.76
C ASP A 364 -8.71 -0.18 7.17
N MET A 365 -8.56 -0.42 8.47
CA MET A 365 -7.52 -1.35 8.93
C MET A 365 -7.87 -2.80 8.60
N ALA A 366 -9.15 -3.09 8.38
CA ALA A 366 -9.55 -4.48 8.16
C ALA A 366 -8.94 -5.06 6.90
N TYR A 367 -8.94 -4.30 5.80
CA TYR A 367 -8.54 -4.83 4.50
C TYR A 367 -7.18 -4.32 4.04
N ALA A 368 -6.29 -3.98 4.98
CA ALA A 368 -4.98 -3.49 4.61
C ALA A 368 -4.12 -4.56 3.93
N ALA A 369 -4.49 -5.83 4.06
CA ALA A 369 -3.69 -6.91 3.46
C ALA A 369 -3.99 -7.14 2.00
N GLN A 370 -5.09 -6.59 1.48
CA GLN A 370 -5.42 -6.74 0.08
C GLN A 370 -4.47 -5.91 -0.78
N PRO A 371 -4.34 -6.25 -2.06
CA PRO A 371 -3.53 -5.42 -2.97
C PRO A 371 -4.04 -3.98 -3.04
N PHE A 372 -3.20 -3.13 -3.62
CA PHE A 372 -3.44 -1.68 -3.55
C PHE A 372 -4.76 -1.31 -4.23
N LEU A 373 -5.04 -1.87 -5.40
CA LEU A 373 -6.25 -1.53 -6.13
C LEU A 373 -7.50 -2.15 -5.53
N LEU A 374 -7.36 -3.07 -4.56
CA LEU A 374 -8.49 -3.73 -3.95
C LEU A 374 -8.69 -3.32 -2.49
N ARG A 375 -8.13 -2.18 -2.08
CA ARG A 375 -8.29 -1.67 -0.72
C ARG A 375 -9.41 -0.63 -0.74
N ASN A 376 -10.64 -1.12 -0.69
CA ASN A 376 -11.81 -0.25 -0.70
C ASN A 376 -13.02 -1.06 -0.24
N GLY A 377 -14.12 -0.35 -0.02
CA GLY A 377 -15.35 -1.03 0.34
C GLY A 377 -15.94 -1.81 -0.82
N ALA A 378 -16.89 -2.68 -0.50
CA ALA A 378 -17.53 -3.49 -1.52
C ALA A 378 -18.23 -2.62 -2.55
N ASN A 379 -18.94 -1.60 -2.10
CA ASN A 379 -19.46 -0.55 -2.97
C ASN A 379 -19.42 0.76 -2.19
N GLU A 380 -20.00 1.81 -2.76
CA GLU A 380 -19.95 3.12 -2.12
C GLU A 380 -20.85 3.23 -0.89
N GLY A 381 -21.70 2.24 -0.64
CA GLY A 381 -22.62 2.27 0.48
C GLY A 381 -22.27 1.40 1.66
N PHE A 382 -21.06 0.85 1.72
CA PHE A 382 -20.69 -0.06 2.81
C PHE A 382 -19.96 0.66 3.94
N HIS A 383 -19.06 1.58 3.61
CA HIS A 383 -18.30 2.29 4.62
C HIS A 383 -19.23 3.05 5.58
N GLU A 384 -20.18 3.78 5.03
CA GLU A 384 -21.05 4.59 5.87
C GLU A 384 -22.07 3.73 6.61
N ALA A 385 -22.45 2.58 6.05
CA ALA A 385 -23.28 1.65 6.81
C ALA A 385 -22.54 1.12 8.03
N VAL A 386 -21.26 0.76 7.86
CA VAL A 386 -20.46 0.30 8.98
C VAL A 386 -20.30 1.42 10.01
N GLY A 387 -20.16 2.66 9.54
CA GLY A 387 -20.12 3.78 10.46
C GLY A 387 -21.40 3.97 11.23
N GLU A 388 -22.54 3.82 10.55
CA GLU A 388 -23.84 4.06 11.17
C GLU A 388 -24.22 3.00 12.19
N ILE A 389 -23.88 1.72 11.95
CA ILE A 389 -24.33 0.68 12.87
C ILE A 389 -23.70 0.86 14.24
N MET A 390 -22.45 1.34 14.30
CA MET A 390 -21.78 1.53 15.58
C MET A 390 -22.44 2.65 16.38
N SER A 391 -22.78 3.76 15.72
CA SER A 391 -23.51 4.83 16.40
C SER A 391 -24.86 4.36 16.87
N LEU A 392 -25.55 3.53 16.07
CA LEU A 392 -26.81 2.95 16.49
C LEU A 392 -26.64 2.14 17.77
N SER A 393 -25.60 1.31 17.83
CA SER A 393 -25.37 0.50 19.01
C SER A 393 -25.01 1.37 20.22
N ALA A 394 -24.25 2.44 20.01
CA ALA A 394 -23.77 3.25 21.11
C ALA A 394 -24.77 4.30 21.57
N ALA A 395 -25.86 4.51 20.84
CA ALA A 395 -26.86 5.49 21.23
C ALA A 395 -28.01 4.91 22.05
N THR A 396 -27.94 3.63 22.40
CA THR A 396 -29.02 3.00 23.15
C THR A 396 -28.93 3.37 24.63
N PRO A 397 -30.08 3.41 25.32
CA PRO A 397 -30.05 3.74 26.75
C PRO A 397 -29.25 2.76 27.59
N LYS A 398 -29.26 1.47 27.25
CA LYS A 398 -28.52 0.50 28.04
C LYS A 398 -27.02 0.74 27.96
N HIS A 399 -26.52 1.07 26.77
CA HIS A 399 -25.10 1.36 26.62
C HIS A 399 -24.69 2.58 27.45
N LEU A 400 -25.51 3.63 27.44
CA LEU A 400 -25.20 4.82 28.22
C LEU A 400 -25.28 4.54 29.71
N LYS A 401 -26.23 3.69 30.13
CA LYS A 401 -26.31 3.30 31.53
C LYS A 401 -25.08 2.52 31.96
N SER A 402 -24.56 1.66 31.08
CA SER A 402 -23.42 0.84 31.43
C SER A 402 -22.18 1.67 31.70
N ILE A 403 -21.92 2.69 30.87
CA ILE A 403 -20.70 3.50 31.01
C ILE A 403 -20.83 4.58 32.06
N GLY A 404 -22.03 4.82 32.60
CA GLY A 404 -22.20 5.73 33.71
C GLY A 404 -22.67 7.13 33.35
N LEU A 405 -22.99 7.39 32.09
CA LEU A 405 -23.48 8.72 31.70
C LEU A 405 -24.97 8.90 31.97
N LEU A 406 -25.68 7.85 32.33
CA LEU A 406 -27.09 7.92 32.67
C LEU A 406 -27.30 7.41 34.09
N SER A 407 -28.26 8.01 34.80
CA SER A 407 -28.51 7.63 36.17
C SER A 407 -29.04 6.20 36.22
N PRO A 408 -28.58 5.38 37.17
CA PRO A 408 -29.09 4.01 37.27
C PRO A 408 -30.58 3.94 37.56
N ASP A 409 -31.17 4.99 38.11
CA ASP A 409 -32.59 5.03 38.43
C ASP A 409 -33.44 5.48 37.25
N PHE A 410 -32.94 5.37 36.03
CA PHE A 410 -33.70 5.77 34.86
C PHE A 410 -34.79 4.76 34.57
N GLN A 411 -35.96 5.25 34.14
CA GLN A 411 -37.11 4.42 33.81
C GLN A 411 -37.40 4.56 32.33
N GLU A 412 -37.52 3.43 31.64
CA GLU A 412 -37.84 3.43 30.22
C GLU A 412 -39.32 3.12 30.04
N ASP A 413 -39.99 3.92 29.22
CA ASP A 413 -41.42 3.79 29.01
C ASP A 413 -41.72 3.95 27.52
N ASN A 414 -43.01 3.95 27.18
CA ASN A 414 -43.43 4.05 25.79
C ASN A 414 -43.10 5.42 25.22
N GLU A 415 -43.29 6.48 26.01
CA GLU A 415 -43.16 7.84 25.50
C GLU A 415 -41.74 8.14 25.04
N THR A 416 -40.75 7.76 25.85
CA THR A 416 -39.35 7.98 25.48
C THR A 416 -38.99 7.17 24.24
N GLU A 417 -39.47 5.94 24.15
CA GLU A 417 -39.23 5.12 22.97
C GLU A 417 -39.79 5.77 21.72
N ILE A 418 -41.02 6.30 21.82
CA ILE A 418 -41.64 6.95 20.66
C ILE A 418 -40.88 8.22 20.29
N ASN A 419 -40.42 8.97 21.28
CA ASN A 419 -39.65 10.19 20.99
C ASN A 419 -38.36 9.86 20.25
N PHE A 420 -37.63 8.86 20.74
CA PHE A 420 -36.38 8.46 20.09
C PHE A 420 -36.64 7.93 18.69
N LEU A 421 -37.68 7.12 18.52
CA LEU A 421 -38.01 6.60 17.21
C LEU A 421 -38.42 7.72 16.25
N LEU A 422 -39.06 8.78 16.76
CA LEU A 422 -39.45 9.87 15.87
C LEU A 422 -38.24 10.71 15.48
N LYS A 423 -37.30 10.92 16.40
CA LYS A 423 -36.02 11.51 16.02
C LYS A 423 -35.38 10.73 14.89
N GLN A 424 -35.27 9.41 15.06
CA GLN A 424 -34.63 8.57 14.05
C GLN A 424 -35.38 8.62 12.72
N ALA A 425 -36.71 8.59 12.76
CA ALA A 425 -37.49 8.58 11.53
C ALA A 425 -37.41 9.91 10.81
N LEU A 426 -37.36 11.03 11.55
CA LEU A 426 -37.16 12.31 10.91
C LEU A 426 -35.80 12.38 10.24
N THR A 427 -34.75 11.88 10.90
CA THR A 427 -33.42 12.00 10.33
C THR A 427 -33.11 10.94 9.28
N ILE A 428 -33.93 9.91 9.15
CA ILE A 428 -33.67 8.79 8.24
C ILE A 428 -34.77 8.64 7.19
N VAL A 429 -36.01 8.46 7.63
CA VAL A 429 -37.09 8.11 6.70
C VAL A 429 -37.39 9.26 5.75
N GLY A 430 -37.33 10.50 6.25
CA GLY A 430 -37.68 11.64 5.41
C GLY A 430 -36.68 11.92 4.31
N THR A 431 -35.42 11.53 4.50
CA THR A 431 -34.38 11.82 3.51
C THR A 431 -34.48 10.90 2.30
N LEU A 432 -35.06 9.70 2.47
CA LEU A 432 -35.08 8.73 1.37
C LEU A 432 -35.87 9.20 0.17
N PRO A 433 -37.09 9.75 0.32
CA PRO A 433 -37.79 10.25 -0.88
C PRO A 433 -37.00 11.31 -1.63
N PHE A 434 -36.37 12.24 -0.91
CA PHE A 434 -35.60 13.30 -1.56
C PHE A 434 -34.41 12.69 -2.32
N THR A 435 -33.68 11.78 -1.67
CA THR A 435 -32.53 11.16 -2.31
C THR A 435 -32.93 10.39 -3.56
N TYR A 436 -33.97 9.56 -3.44
CA TYR A 436 -34.42 8.76 -4.58
C TYR A 436 -34.92 9.65 -5.72
N MET A 437 -35.66 10.70 -5.39
CA MET A 437 -36.15 11.61 -6.41
C MET A 437 -35.00 12.28 -7.14
N LEU A 438 -34.00 12.75 -6.39
CA LEU A 438 -32.86 13.43 -7.03
C LEU A 438 -32.12 12.46 -7.95
N GLU A 439 -31.89 11.23 -7.48
CA GLU A 439 -31.18 10.26 -8.31
C GLU A 439 -31.97 9.92 -9.56
N LYS A 440 -33.28 9.71 -9.43
CA LYS A 440 -34.09 9.35 -10.58
C LYS A 440 -34.14 10.49 -11.59
N TRP A 441 -34.27 11.73 -11.10
CA TRP A 441 -34.28 12.88 -12.00
C TRP A 441 -32.96 13.02 -12.74
N ARG A 442 -31.84 12.86 -12.04
CA ARG A 442 -30.54 12.91 -12.72
C ARG A 442 -30.42 11.82 -13.76
N TRP A 443 -30.84 10.60 -13.42
CA TRP A 443 -30.69 9.47 -14.32
C TRP A 443 -31.53 9.65 -15.58
N MET A 444 -32.77 10.11 -15.45
CA MET A 444 -33.58 10.29 -16.65
C MET A 444 -33.31 11.62 -17.37
N VAL A 445 -32.61 12.57 -16.74
CA VAL A 445 -32.07 13.69 -17.48
C VAL A 445 -30.92 13.23 -18.36
N PHE A 446 -30.02 12.41 -17.81
CA PHE A 446 -28.91 11.88 -18.60
C PHE A 446 -29.41 10.95 -19.70
N LYS A 447 -30.44 10.16 -19.41
CA LYS A 447 -31.02 9.28 -20.43
C LYS A 447 -31.52 10.07 -21.63
N GLY A 448 -31.93 11.32 -21.43
CA GLY A 448 -32.49 12.12 -22.50
C GLY A 448 -34.00 12.02 -22.65
N GLU A 449 -34.69 11.44 -21.68
CA GLU A 449 -36.15 11.31 -21.75
C GLU A 449 -36.87 12.60 -21.37
N ILE A 450 -36.16 13.61 -20.91
CA ILE A 450 -36.74 14.88 -20.51
C ILE A 450 -36.19 15.98 -21.41
N PRO A 451 -36.99 16.49 -22.35
CA PRO A 451 -36.52 17.57 -23.22
C PRO A 451 -36.20 18.82 -22.43
N LYS A 452 -35.27 19.61 -22.98
CA LYS A 452 -34.75 20.77 -22.25
C LYS A 452 -35.86 21.73 -21.84
N ASP A 453 -36.72 22.11 -22.78
CA ASP A 453 -37.77 23.09 -22.52
C ASP A 453 -38.80 22.57 -21.52
N GLN A 454 -38.65 21.31 -21.10
CA GLN A 454 -39.55 20.71 -20.11
C GLN A 454 -38.81 20.19 -18.88
N TRP A 455 -37.54 20.57 -18.69
CA TRP A 455 -36.73 19.97 -17.63
C TRP A 455 -37.39 20.10 -16.27
N MET A 456 -37.54 21.34 -15.78
CA MET A 456 -38.26 21.53 -14.53
C MET A 456 -39.72 21.11 -14.63
N LYS A 457 -40.28 21.05 -15.84
CA LYS A 457 -41.63 20.55 -16.00
C LYS A 457 -41.75 19.12 -15.49
N LYS A 458 -40.63 18.39 -15.43
CA LYS A 458 -40.60 17.12 -14.72
C LYS A 458 -40.26 17.31 -13.25
N TRP A 459 -39.27 18.14 -12.96
CA TRP A 459 -38.72 18.26 -11.61
C TRP A 459 -39.80 18.48 -10.57
N TRP A 460 -40.50 19.61 -10.65
CA TRP A 460 -41.50 19.93 -9.63
C TRP A 460 -42.70 18.99 -9.67
N GLU A 461 -42.84 18.17 -10.71
CA GLU A 461 -43.83 17.09 -10.66
C GLU A 461 -43.37 16.00 -9.72
N MET A 462 -42.11 15.56 -9.83
CA MET A 462 -41.62 14.49 -8.96
C MET A 462 -41.49 14.95 -7.52
N LYS A 463 -41.21 16.24 -7.31
CA LYS A 463 -41.26 16.80 -5.97
C LYS A 463 -42.64 16.62 -5.36
N ARG A 464 -43.69 16.66 -6.20
CA ARG A 464 -45.05 16.49 -5.72
C ARG A 464 -45.43 15.03 -5.64
N GLU A 465 -45.29 14.30 -6.74
CA GLU A 465 -45.77 12.92 -6.81
C GLU A 465 -45.00 12.00 -5.87
N ILE A 466 -43.68 12.18 -5.78
CA ILE A 466 -42.84 11.27 -5.02
C ILE A 466 -42.61 11.81 -3.62
N VAL A 467 -41.99 12.99 -3.51
CA VAL A 467 -41.63 13.54 -2.21
C VAL A 467 -42.85 14.06 -1.46
N GLY A 468 -43.92 14.40 -2.17
CA GLY A 468 -45.11 14.91 -1.51
C GLY A 468 -45.01 16.35 -1.08
N VAL A 469 -44.14 17.14 -1.71
CA VAL A 469 -43.92 18.53 -1.33
C VAL A 469 -44.11 19.41 -2.57
N VAL A 470 -44.83 20.51 -2.40
CA VAL A 470 -45.12 21.44 -3.49
C VAL A 470 -44.22 22.66 -3.35
N GLU A 471 -43.78 23.19 -4.49
CA GLU A 471 -42.99 24.41 -4.48
C GLU A 471 -43.85 25.60 -4.07
N PRO A 472 -43.26 26.57 -3.36
CA PRO A 472 -44.04 27.75 -2.97
C PRO A 472 -44.15 28.80 -4.05
N VAL A 473 -43.15 28.92 -4.94
CA VAL A 473 -43.18 29.91 -6.01
C VAL A 473 -42.94 29.19 -7.34
N PRO A 474 -43.83 29.36 -8.32
CA PRO A 474 -43.61 28.70 -9.62
C PRO A 474 -42.36 29.23 -10.30
N HIS A 475 -41.63 28.31 -10.94
CA HIS A 475 -40.38 28.62 -11.62
C HIS A 475 -40.41 28.07 -13.03
N ASP A 476 -39.86 28.82 -13.98
CA ASP A 476 -39.79 28.41 -15.36
C ASP A 476 -38.49 27.67 -15.62
N GLU A 477 -38.18 27.42 -16.89
CA GLU A 477 -36.97 26.70 -17.27
C GLU A 477 -35.69 27.50 -17.09
N THR A 478 -35.80 28.79 -16.76
CA THR A 478 -34.62 29.63 -16.61
C THR A 478 -33.83 29.32 -15.34
N TYR A 479 -34.37 28.50 -14.44
CA TYR A 479 -33.72 28.21 -13.18
C TYR A 479 -32.83 26.97 -13.31
N CYS A 480 -31.97 26.79 -12.30
CA CYS A 480 -31.14 25.59 -12.14
C CYS A 480 -31.17 25.14 -10.69
N ASP A 481 -32.37 24.98 -10.15
CA ASP A 481 -32.65 24.65 -8.76
C ASP A 481 -31.70 23.63 -8.14
N PRO A 482 -31.62 22.39 -8.63
CA PRO A 482 -30.87 21.38 -7.90
C PRO A 482 -29.37 21.56 -7.95
N ALA A 483 -28.85 22.43 -8.83
CA ALA A 483 -27.43 22.78 -8.77
C ALA A 483 -27.09 23.57 -7.52
N SER A 484 -28.08 24.07 -6.78
CA SER A 484 -27.82 24.77 -5.54
C SER A 484 -27.29 23.84 -4.45
N LEU A 485 -27.39 22.54 -4.62
CA LEU A 485 -26.91 21.59 -3.64
C LEU A 485 -25.41 21.41 -3.76
N PHE A 486 -24.77 21.01 -2.65
CA PHE A 486 -23.32 20.87 -2.63
C PHE A 486 -22.88 19.78 -3.59
N HIS A 487 -23.48 18.59 -3.51
CA HIS A 487 -23.00 17.46 -4.27
C HIS A 487 -23.30 17.60 -5.76
N VAL A 488 -24.43 18.23 -6.10
CA VAL A 488 -24.80 18.36 -7.50
C VAL A 488 -23.79 19.23 -8.24
N SER A 489 -23.34 20.32 -7.61
CA SER A 489 -22.36 21.20 -8.22
C SER A 489 -20.93 20.69 -8.08
N ASN A 490 -20.72 19.58 -7.38
CA ASN A 490 -19.41 19.01 -7.18
C ASN A 490 -19.24 17.64 -7.83
N ASP A 491 -20.16 17.26 -8.73
CA ASP A 491 -20.05 16.04 -9.53
C ASP A 491 -19.95 14.80 -8.63
N TYR A 492 -21.05 14.55 -7.90
CA TYR A 492 -21.14 13.44 -6.97
C TYR A 492 -22.40 12.63 -7.22
N SER A 493 -22.33 11.34 -6.89
CA SER A 493 -23.48 10.47 -6.94
C SER A 493 -24.34 10.64 -5.70
N PHE A 494 -25.54 10.06 -5.73
CA PHE A 494 -26.51 10.29 -4.67
C PHE A 494 -27.23 9.03 -4.18
N ILE A 495 -27.13 7.89 -4.86
CA ILE A 495 -27.82 6.68 -4.42
C ILE A 495 -27.08 5.97 -3.29
N ARG A 496 -25.84 6.38 -3.01
CA ARG A 496 -25.09 5.79 -1.91
C ARG A 496 -25.81 5.97 -0.58
N TYR A 497 -26.54 7.06 -0.41
CA TYR A 497 -27.30 7.27 0.81
C TYR A 497 -28.41 6.23 0.97
N TYR A 498 -29.12 5.93 -0.12
CA TYR A 498 -30.17 4.92 -0.06
C TYR A 498 -29.58 3.55 0.26
N THR A 499 -28.48 3.20 -0.41
CA THR A 499 -27.84 1.92 -0.15
C THR A 499 -27.36 1.83 1.30
N ARG A 500 -26.77 2.92 1.81
CA ARG A 500 -26.38 2.98 3.21
C ARG A 500 -27.57 2.72 4.13
N THR A 501 -28.69 3.40 3.87
CA THR A 501 -29.84 3.29 4.75
C THR A 501 -30.35 1.86 4.82
N LEU A 502 -30.39 1.17 3.68
CA LEU A 502 -30.85 -0.22 3.71
C LEU A 502 -29.81 -1.14 4.36
N TYR A 503 -28.54 -1.00 3.97
CA TYR A 503 -27.52 -1.95 4.41
C TYR A 503 -27.29 -1.86 5.91
N GLN A 504 -27.37 -0.67 6.48
CA GLN A 504 -27.08 -0.53 7.90
C GLN A 504 -28.10 -1.30 8.75
N PHE A 505 -29.37 -1.22 8.39
CA PHE A 505 -30.38 -1.95 9.16
C PHE A 505 -30.31 -3.45 8.88
N GLN A 506 -29.97 -3.85 7.65
CA GLN A 506 -29.76 -5.28 7.41
C GLN A 506 -28.64 -5.83 8.28
N PHE A 507 -27.51 -5.12 8.34
CA PHE A 507 -26.38 -5.55 9.16
C PHE A 507 -26.75 -5.55 10.64
N GLN A 508 -27.49 -4.54 11.09
CA GLN A 508 -27.89 -4.50 12.49
C GLN A 508 -28.77 -5.68 12.86
N GLU A 509 -29.73 -6.03 11.99
CA GLU A 509 -30.57 -7.18 12.25
C GLU A 509 -29.73 -8.46 12.31
N ALA A 510 -28.81 -8.62 11.36
CA ALA A 510 -28.00 -9.83 11.33
C ALA A 510 -27.15 -9.96 12.59
N LEU A 511 -26.47 -8.87 12.99
CA LEU A 511 -25.60 -8.93 14.16
C LEU A 511 -26.40 -9.12 15.44
N CYS A 512 -27.54 -8.45 15.57
CA CYS A 512 -28.35 -8.59 16.78
C CYS A 512 -28.91 -10.00 16.91
N GLN A 513 -29.33 -10.60 15.79
CA GLN A 513 -29.78 -11.98 15.84
C GLN A 513 -28.61 -12.90 16.20
N ALA A 514 -27.42 -12.62 15.68
CA ALA A 514 -26.25 -13.43 15.99
C ALA A 514 -25.74 -13.21 17.41
N ALA A 515 -26.20 -12.17 18.10
CA ALA A 515 -25.77 -11.87 19.45
C ALA A 515 -26.77 -12.32 20.51
N LYS A 516 -27.80 -13.08 20.12
CA LYS A 516 -28.81 -13.61 21.04
C LYS A 516 -29.48 -12.48 21.83
N HIS A 517 -30.18 -11.63 21.08
CA HIS A 517 -30.88 -10.48 21.64
C HIS A 517 -32.38 -10.75 21.63
N GLU A 518 -33.03 -10.44 22.75
CA GLU A 518 -34.46 -10.59 22.90
C GLU A 518 -35.12 -9.22 23.00
N GLY A 519 -36.21 -9.03 22.27
CA GLY A 519 -36.93 -7.78 22.28
C GLY A 519 -36.87 -7.05 20.96
N PRO A 520 -37.37 -5.82 20.94
CA PRO A 520 -37.35 -5.03 19.70
C PRO A 520 -35.93 -4.70 19.28
N LEU A 521 -35.74 -4.54 17.97
CA LEU A 521 -34.41 -4.29 17.42
C LEU A 521 -33.89 -2.91 17.76
N HIS A 522 -34.76 -1.99 18.18
CA HIS A 522 -34.33 -0.62 18.46
C HIS A 522 -33.61 -0.46 19.79
N LYS A 523 -33.58 -1.50 20.62
CA LYS A 523 -32.86 -1.45 21.89
C LYS A 523 -31.61 -2.31 21.89
N CYS A 524 -31.30 -2.99 20.78
CA CYS A 524 -30.22 -3.95 20.74
C CYS A 524 -28.86 -3.27 20.76
N ASP A 525 -27.91 -3.91 21.43
CA ASP A 525 -26.50 -3.55 21.35
C ASP A 525 -25.67 -4.79 21.10
N ILE A 526 -24.51 -4.60 20.46
CA ILE A 526 -23.64 -5.71 20.10
C ILE A 526 -22.40 -5.78 20.99
N SER A 527 -22.37 -5.01 22.08
CA SER A 527 -21.21 -4.99 22.94
C SER A 527 -21.05 -6.31 23.69
N ASN A 528 -19.80 -6.62 24.06
CA ASN A 528 -19.41 -7.81 24.81
C ASN A 528 -19.71 -9.11 24.08
N SER A 529 -19.90 -9.08 22.76
CA SER A 529 -20.19 -10.26 21.97
C SER A 529 -19.12 -10.42 20.90
N THR A 530 -18.52 -11.61 20.82
CA THR A 530 -17.52 -11.89 19.81
C THR A 530 -18.11 -12.53 18.55
N GLU A 531 -19.32 -13.09 18.63
CA GLU A 531 -19.95 -13.67 17.44
C GLU A 531 -20.27 -12.60 16.42
N ALA A 532 -20.87 -11.49 16.86
CA ALA A 532 -21.15 -10.38 15.94
C ALA A 532 -19.86 -9.80 15.39
N GLY A 533 -18.83 -9.69 16.24
CA GLY A 533 -17.54 -9.21 15.77
C GLY A 533 -16.95 -10.08 14.68
N GLN A 534 -17.01 -11.41 14.87
CA GLN A 534 -16.51 -12.32 13.84
C GLN A 534 -17.33 -12.22 12.56
N LYS A 535 -18.66 -12.12 12.70
CA LYS A 535 -19.51 -11.99 11.52
C LYS A 535 -19.18 -10.73 10.73
N LEU A 536 -18.96 -9.62 11.43
CA LEU A 536 -18.62 -8.38 10.74
C LEU A 536 -17.21 -8.44 10.14
N PHE A 537 -16.26 -9.02 10.88
CA PHE A 537 -14.88 -9.06 10.40
C PHE A 537 -14.73 -9.95 9.17
N ASN A 538 -15.50 -11.04 9.10
CA ASN A 538 -15.44 -11.89 7.91
C ASN A 538 -15.75 -11.12 6.64
N MET A 539 -16.63 -10.13 6.72
CA MET A 539 -16.92 -9.28 5.57
C MET A 539 -15.92 -8.16 5.43
N LEU A 540 -15.49 -7.57 6.56
CA LEU A 540 -14.58 -6.42 6.49
C LEU A 540 -13.24 -6.81 5.87
N ARG A 541 -12.72 -7.98 6.22
CA ARG A 541 -11.42 -8.40 5.72
C ARG A 541 -11.41 -8.67 4.23
N LEU A 542 -12.57 -8.77 3.58
CA LEU A 542 -12.63 -9.12 2.17
C LEU A 542 -12.22 -7.97 1.27
N GLY A 543 -12.63 -6.76 1.59
CA GLY A 543 -12.33 -5.63 0.71
C GLY A 543 -13.21 -5.64 -0.52
N LYS A 544 -12.65 -5.19 -1.64
CA LYS A 544 -13.36 -5.14 -2.92
C LYS A 544 -13.00 -6.33 -3.80
N SER A 545 -12.09 -7.20 -3.34
CA SER A 545 -11.68 -8.35 -4.16
C SER A 545 -12.85 -9.29 -4.44
N GLU A 546 -13.69 -9.53 -3.44
CA GLU A 546 -14.85 -10.40 -3.44
C GLU A 546 -16.11 -9.61 -3.76
N PRO A 547 -16.96 -10.12 -4.65
CA PRO A 547 -18.15 -9.36 -5.07
C PRO A 547 -19.04 -9.03 -3.88
N TRP A 548 -19.65 -7.85 -3.93
CA TRP A 548 -20.41 -7.36 -2.79
C TRP A 548 -21.64 -8.20 -2.51
N THR A 549 -22.16 -8.93 -3.50
CA THR A 549 -23.31 -9.80 -3.24
C THR A 549 -22.93 -10.97 -2.35
N LEU A 550 -21.81 -11.63 -2.64
CA LEU A 550 -21.38 -12.76 -1.83
C LEU A 550 -20.93 -12.31 -0.46
N ALA A 551 -20.27 -11.14 -0.38
CA ALA A 551 -19.91 -10.57 0.92
C ALA A 551 -21.14 -10.26 1.74
N LEU A 552 -22.19 -9.72 1.09
CA LEU A 552 -23.44 -9.46 1.80
C LEU A 552 -24.05 -10.76 2.32
N GLU A 553 -24.12 -11.79 1.47
CA GLU A 553 -24.74 -13.04 1.87
C GLU A 553 -23.96 -13.71 3.00
N ASN A 554 -22.64 -13.52 3.04
CA ASN A 554 -21.85 -14.06 4.14
C ASN A 554 -22.36 -13.57 5.50
N VAL A 555 -22.81 -12.32 5.58
CA VAL A 555 -23.26 -11.75 6.85
C VAL A 555 -24.76 -11.94 7.05
N VAL A 556 -25.57 -11.43 6.14
CA VAL A 556 -27.02 -11.45 6.34
C VAL A 556 -27.68 -12.71 5.77
N GLY A 557 -27.12 -13.30 4.72
CA GLY A 557 -27.73 -14.44 4.06
C GLY A 557 -28.49 -14.14 2.80
N ALA A 558 -28.69 -12.87 2.46
CA ALA A 558 -29.37 -12.46 1.25
C ALA A 558 -28.38 -11.88 0.25
N LYS A 559 -28.77 -11.88 -1.02
CA LYS A 559 -27.92 -11.42 -2.10
C LYS A 559 -28.39 -10.10 -2.69
N ASN A 560 -29.33 -9.41 -2.04
CA ASN A 560 -29.82 -8.14 -2.55
C ASN A 560 -30.35 -7.32 -1.37
N MET A 561 -30.51 -6.02 -1.60
CA MET A 561 -30.99 -5.13 -0.56
C MET A 561 -32.44 -5.45 -0.19
N ASN A 562 -32.76 -5.33 1.09
CA ASN A 562 -34.08 -5.63 1.61
C ASN A 562 -34.54 -4.51 2.54
N VAL A 563 -35.85 -4.40 2.70
CA VAL A 563 -36.45 -3.35 3.52
C VAL A 563 -37.12 -3.88 4.77
N ARG A 564 -37.25 -5.20 4.92
CA ARG A 564 -37.92 -5.75 6.10
C ARG A 564 -37.25 -5.39 7.42
N PRO A 565 -35.92 -5.46 7.58
CA PRO A 565 -35.33 -5.09 8.88
C PRO A 565 -35.60 -3.66 9.29
N LEU A 566 -35.64 -2.71 8.35
CA LEU A 566 -35.94 -1.33 8.70
C LEU A 566 -37.34 -1.21 9.29
N LEU A 567 -38.31 -1.88 8.65
CA LEU A 567 -39.68 -1.83 9.16
C LEU A 567 -39.79 -2.55 10.50
N ASN A 568 -39.03 -3.64 10.69
CA ASN A 568 -39.02 -4.30 11.99
C ASN A 568 -38.50 -3.35 13.05
N TYR A 569 -37.45 -2.59 12.74
CA TYR A 569 -36.91 -1.61 13.66
C TYR A 569 -37.92 -0.52 13.99
N PHE A 570 -38.66 -0.06 12.99
CA PHE A 570 -39.55 1.09 13.15
C PHE A 570 -41.00 0.71 13.48
N GLU A 571 -41.29 -0.57 13.68
CA GLU A 571 -42.68 -0.99 13.88
C GLU A 571 -43.40 -0.30 15.04
N PRO A 572 -42.82 -0.12 16.24
CA PRO A 572 -43.56 0.60 17.29
C PRO A 572 -44.05 1.98 16.88
N LEU A 573 -43.20 2.76 16.21
CA LEU A 573 -43.63 4.06 15.72
C LEU A 573 -44.68 3.92 14.63
N PHE A 574 -44.57 2.88 13.80
CA PHE A 574 -45.58 2.65 12.78
C PHE A 574 -46.95 2.41 13.41
N THR A 575 -46.99 1.59 14.46
CA THR A 575 -48.25 1.33 15.14
C THR A 575 -48.79 2.60 15.81
N TRP A 576 -47.91 3.37 16.46
CA TRP A 576 -48.38 4.60 17.09
C TRP A 576 -48.93 5.59 16.07
N LEU A 577 -48.26 5.70 14.92
CA LEU A 577 -48.73 6.61 13.88
C LEU A 577 -50.05 6.14 13.28
N LYS A 578 -50.21 4.82 13.12
CA LYS A 578 -51.48 4.29 12.64
C LYS A 578 -52.60 4.61 13.62
N ASP A 579 -52.33 4.51 14.91
CA ASP A 579 -53.32 4.90 15.91
C ASP A 579 -53.62 6.39 15.86
N GLN A 580 -52.58 7.21 15.68
CA GLN A 580 -52.75 8.66 15.77
C GLN A 580 -53.47 9.23 14.56
N ASN A 581 -53.18 8.73 13.36
CA ASN A 581 -53.67 9.33 12.12
C ASN A 581 -55.10 8.92 11.79
N CYS B 1 34.71 -11.82 21.27
CA CYS B 1 34.35 -11.74 19.86
C CYS B 1 33.85 -10.35 19.52
N PRO B 2 34.19 -9.88 18.32
CA PRO B 2 33.82 -8.50 17.93
C PRO B 2 32.34 -8.36 17.62
N PHE B 3 31.48 -8.56 18.63
CA PHE B 3 30.05 -8.42 18.44
C PHE B 3 29.60 -6.97 18.44
N GLY B 4 30.37 -6.07 19.05
CA GLY B 4 29.98 -4.67 19.08
C GLY B 4 29.95 -4.04 17.69
N GLU B 5 30.98 -4.30 16.89
CA GLU B 5 30.99 -3.81 15.52
C GLU B 5 29.95 -4.50 14.66
N VAL B 6 29.51 -5.69 15.04
CA VAL B 6 28.45 -6.37 14.30
C VAL B 6 27.10 -5.73 14.58
N PHE B 7 26.81 -5.47 15.86
CA PHE B 7 25.48 -5.00 16.24
C PHE B 7 25.35 -3.48 16.27
N ASN B 8 26.45 -2.76 16.54
CA ASN B 8 26.39 -1.31 16.69
C ASN B 8 27.05 -0.58 15.52
N ALA B 9 27.08 -1.20 14.35
CA ALA B 9 27.64 -0.53 13.18
C ALA B 9 26.74 0.62 12.74
N THR B 10 27.36 1.70 12.26
CA THR B 10 26.62 2.90 11.90
C THR B 10 25.73 2.66 10.68
N ARG B 11 26.25 1.93 9.69
CA ARG B 11 25.53 1.70 8.44
C ARG B 11 25.34 0.21 8.23
N PHE B 12 24.11 -0.18 7.90
CA PHE B 12 23.77 -1.56 7.60
C PHE B 12 23.61 -1.76 6.10
N ALA B 13 23.79 -3.01 5.67
CA ALA B 13 23.74 -3.36 4.26
C ALA B 13 22.32 -3.65 3.80
N SER B 14 22.11 -3.55 2.50
CA SER B 14 20.84 -3.91 1.91
C SER B 14 20.68 -5.43 1.87
N VAL B 15 19.42 -5.88 1.81
CA VAL B 15 19.15 -7.31 1.88
C VAL B 15 19.66 -8.04 0.63
N TYR B 16 19.61 -7.39 -0.55
CA TYR B 16 20.13 -8.03 -1.75
C TYR B 16 21.65 -8.13 -1.72
N ALA B 17 22.32 -7.29 -0.95
CA ALA B 17 23.76 -7.35 -0.77
C ALA B 17 24.08 -7.55 0.70
N TRP B 18 23.39 -8.50 1.33
CA TRP B 18 23.51 -8.70 2.77
C TRP B 18 24.94 -8.97 3.17
N ASN B 19 25.35 -8.39 4.30
CA ASN B 19 26.74 -8.47 4.73
C ASN B 19 27.00 -9.73 5.53
N ARG B 20 28.15 -10.33 5.31
CA ARG B 20 28.57 -11.52 6.07
C ARG B 20 29.90 -11.23 6.74
N LYS B 21 30.00 -11.57 8.02
CA LYS B 21 31.22 -11.39 8.79
C LYS B 21 31.57 -12.70 9.49
N ARG B 22 32.85 -13.03 9.50
CA ARG B 22 33.33 -14.28 10.07
C ARG B 22 33.79 -14.06 11.51
N ILE B 23 33.33 -14.92 12.40
CA ILE B 23 33.68 -14.89 13.82
C ILE B 23 34.44 -16.17 14.14
N SER B 31 24.89 -14.86 26.56
CA SER B 31 23.94 -14.61 27.64
C SER B 31 23.59 -13.13 27.76
N VAL B 32 24.59 -12.26 27.62
CA VAL B 32 24.32 -10.83 27.66
C VAL B 32 23.47 -10.39 26.48
N LEU B 33 23.67 -11.01 25.31
CA LEU B 33 22.81 -10.72 24.16
C LEU B 33 21.38 -11.13 24.43
N TYR B 34 21.18 -12.31 25.03
CA TYR B 34 19.83 -12.77 25.32
C TYR B 34 19.16 -11.89 26.38
N ASN B 35 19.92 -11.46 27.38
CA ASN B 35 19.37 -10.65 28.47
C ASN B 35 19.41 -9.16 28.20
N SER B 36 19.86 -8.75 27.01
CA SER B 36 19.85 -7.33 26.68
C SER B 36 18.43 -6.77 26.63
N ALA B 37 17.46 -7.59 26.22
CA ALA B 37 16.04 -7.21 26.20
C ALA B 37 15.76 -6.03 25.28
N SER B 38 16.69 -5.73 24.37
CA SER B 38 16.50 -4.69 23.38
C SER B 38 16.15 -5.24 22.01
N PHE B 39 15.85 -6.53 21.92
CA PHE B 39 15.55 -7.21 20.67
C PHE B 39 14.10 -7.67 20.67
N SER B 40 13.40 -7.42 19.57
CA SER B 40 12.02 -7.86 19.44
C SER B 40 11.89 -9.31 19.01
N THR B 41 12.83 -9.82 18.21
CA THR B 41 12.80 -11.19 17.75
C THR B 41 14.13 -11.87 18.07
N PHE B 42 14.06 -13.00 18.76
CA PHE B 42 15.24 -13.80 19.12
C PHE B 42 14.83 -15.27 19.08
N LYS B 43 15.07 -15.92 17.95
CA LYS B 43 14.61 -17.29 17.75
C LYS B 43 15.78 -18.17 17.34
N CYS B 44 15.99 -19.27 18.05
CA CYS B 44 17.12 -20.16 17.82
C CYS B 44 16.62 -21.54 17.39
N TYR B 45 17.18 -22.04 16.29
CA TYR B 45 16.78 -23.31 15.70
C TYR B 45 17.90 -24.32 15.92
N GLY B 46 17.54 -25.50 16.43
CA GLY B 46 18.47 -26.59 16.62
C GLY B 46 19.23 -26.55 17.94
N VAL B 47 19.17 -25.43 18.66
CA VAL B 47 19.86 -25.30 19.94
C VAL B 47 19.15 -24.23 20.75
N ASN B 59 33.50 -22.22 13.50
CA ASN B 59 33.30 -20.94 12.84
C ASN B 59 31.87 -20.47 13.07
N VAL B 60 31.72 -19.15 13.20
CA VAL B 60 30.41 -18.52 13.28
C VAL B 60 30.31 -17.50 12.16
N TYR B 61 29.14 -17.37 11.57
CA TYR B 61 28.89 -16.38 10.53
C TYR B 61 27.78 -15.46 10.98
N ALA B 62 28.02 -14.15 10.93
CA ALA B 62 27.04 -13.13 11.28
C ALA B 62 26.63 -12.43 10.00
N ASP B 63 25.37 -12.60 9.60
CA ASP B 63 24.84 -12.01 8.39
C ASP B 63 23.87 -10.89 8.78
N SER B 64 24.15 -9.68 8.32
CA SER B 64 23.40 -8.50 8.71
C SER B 64 22.73 -7.87 7.49
N PHE B 65 21.49 -7.43 7.69
CA PHE B 65 20.77 -6.66 6.68
C PHE B 65 19.63 -5.91 7.35
N VAL B 66 18.88 -5.15 6.55
CA VAL B 66 17.75 -4.36 7.00
C VAL B 66 16.56 -4.62 6.11
N ILE B 67 15.41 -4.94 6.71
CA ILE B 67 14.20 -5.24 5.96
C ILE B 67 13.00 -4.54 6.59
N ARG B 68 11.81 -4.82 6.07
CA ARG B 68 10.59 -4.37 6.70
C ARG B 68 10.21 -5.31 7.85
N GLY B 69 9.32 -4.81 8.73
CA GLY B 69 8.91 -5.62 9.86
C GLY B 69 8.10 -6.83 9.44
N ASP B 70 7.13 -6.63 8.53
CA ASP B 70 6.30 -7.73 8.07
C ASP B 70 7.11 -8.82 7.39
N GLU B 71 8.32 -8.52 6.94
CA GLU B 71 9.17 -9.51 6.29
C GLU B 71 10.01 -10.31 7.27
N VAL B 72 10.02 -9.93 8.56
CA VAL B 72 10.86 -10.63 9.52
C VAL B 72 10.42 -12.08 9.68
N ARG B 73 9.13 -12.36 9.48
CA ARG B 73 8.65 -13.73 9.53
C ARG B 73 9.24 -14.60 8.44
N GLN B 74 9.77 -14.00 7.36
CA GLN B 74 10.32 -14.78 6.26
C GLN B 74 11.73 -15.29 6.54
N ILE B 75 12.40 -14.78 7.57
CA ILE B 75 13.75 -15.25 7.90
C ILE B 75 13.56 -16.44 8.85
N ALA B 76 13.32 -17.60 8.25
CA ALA B 76 13.08 -18.84 8.97
C ALA B 76 13.13 -20.00 7.98
N PRO B 77 13.53 -21.19 8.42
CA PRO B 77 13.58 -22.33 7.49
C PRO B 77 12.19 -22.71 7.00
N GLY B 78 12.07 -22.89 5.69
CA GLY B 78 10.80 -23.30 5.11
C GLY B 78 9.80 -22.19 4.92
N GLN B 79 10.22 -21.04 4.41
CA GLN B 79 9.33 -19.91 4.18
C GLN B 79 9.39 -19.48 2.73
N THR B 80 8.31 -18.86 2.27
CA THR B 80 8.17 -18.38 0.90
C THR B 80 7.84 -16.90 0.91
N GLY B 81 8.13 -16.25 -0.21
CA GLY B 81 7.92 -14.83 -0.38
C GLY B 81 9.03 -14.20 -1.20
N LYS B 82 8.98 -12.87 -1.29
CA LYS B 82 9.99 -12.14 -2.05
C LYS B 82 11.36 -12.30 -1.42
N ILE B 83 11.47 -12.04 -0.11
CA ILE B 83 12.78 -12.05 0.55
C ILE B 83 13.34 -13.47 0.61
N ALA B 84 12.49 -14.45 0.97
CA ALA B 84 12.98 -15.81 1.16
C ALA B 84 13.44 -16.44 -0.14
N ASP B 85 12.76 -16.14 -1.25
CA ASP B 85 13.06 -16.79 -2.51
C ASP B 85 14.04 -16.02 -3.38
N TYR B 86 14.05 -14.68 -3.30
CA TYR B 86 14.86 -13.89 -4.21
C TYR B 86 16.00 -13.14 -3.55
N ASN B 87 15.99 -12.97 -2.22
CA ASN B 87 16.98 -12.17 -1.54
C ASN B 87 17.83 -12.96 -0.56
N TYR B 88 17.21 -13.68 0.37
CA TYR B 88 17.95 -14.38 1.42
C TYR B 88 17.22 -15.66 1.77
N LYS B 89 17.92 -16.79 1.63
CA LYS B 89 17.32 -18.11 1.85
C LYS B 89 18.08 -18.83 2.96
N LEU B 90 17.34 -19.45 3.87
CA LEU B 90 17.87 -20.28 4.95
C LEU B 90 17.56 -21.74 4.68
N PRO B 91 18.51 -22.65 4.92
CA PRO B 91 18.27 -24.06 4.62
C PRO B 91 17.31 -24.69 5.62
N ASP B 92 16.79 -25.85 5.22
CA ASP B 92 15.83 -26.57 6.07
C ASP B 92 16.47 -27.00 7.39
N ASP B 93 17.72 -27.47 7.31
CA ASP B 93 18.45 -27.96 8.51
C ASP B 93 19.27 -26.82 9.10
N PHE B 94 18.64 -25.67 9.35
CA PHE B 94 19.31 -24.52 9.93
C PHE B 94 19.60 -24.76 11.41
N THR B 95 20.80 -24.37 11.85
CA THR B 95 21.27 -24.61 13.21
C THR B 95 21.86 -23.35 13.83
N GLY B 96 21.18 -22.22 13.71
CA GLY B 96 21.66 -20.99 14.28
C GLY B 96 20.58 -20.20 14.99
N CYS B 97 20.74 -18.87 15.02
CA CYS B 97 19.77 -17.99 15.67
C CYS B 97 19.51 -16.79 14.78
N VAL B 98 18.32 -16.20 14.95
CA VAL B 98 17.90 -15.01 14.23
C VAL B 98 17.51 -13.95 15.25
N ILE B 99 18.09 -12.77 15.11
CA ILE B 99 17.81 -11.62 15.96
C ILE B 99 17.34 -10.48 15.08
N ALA B 100 16.29 -9.79 15.52
CA ALA B 100 15.74 -8.68 14.77
C ALA B 100 15.23 -7.63 15.74
N TRP B 101 15.53 -6.37 15.46
CA TRP B 101 15.07 -5.28 16.32
C TRP B 101 14.72 -4.05 15.49
N ASN B 102 13.80 -3.25 16.02
CA ASN B 102 13.30 -2.07 15.31
C ASN B 102 14.36 -0.97 15.29
N SER B 103 14.43 -0.26 14.16
CA SER B 103 15.42 0.80 13.97
C SER B 103 14.77 2.00 13.30
N ASN B 104 13.58 2.39 13.76
CA ASN B 104 12.90 3.54 13.17
C ASN B 104 13.59 4.84 13.48
N ASN B 105 14.24 4.95 14.64
CA ASN B 105 14.86 6.19 15.06
C ASN B 105 16.17 6.48 14.34
N LEU B 106 16.72 5.53 13.60
CA LEU B 106 17.98 5.72 12.89
C LEU B 106 17.85 5.65 11.38
N ASP B 107 17.07 4.70 10.86
CA ASP B 107 16.99 4.46 9.42
C ASP B 107 15.85 5.20 8.74
N SER B 108 15.11 6.04 9.46
CA SER B 108 14.00 6.78 8.89
C SER B 108 14.25 8.28 9.06
N LYS B 109 13.86 9.05 8.05
CA LYS B 109 14.05 10.49 8.09
C LYS B 109 12.86 11.16 7.40
N VAL B 110 12.64 12.43 7.75
CA VAL B 110 11.52 13.17 7.17
C VAL B 110 11.78 13.39 5.69
N GLY B 111 10.77 13.07 4.87
CA GLY B 111 10.91 13.11 3.44
C GLY B 111 11.24 11.78 2.79
N GLY B 112 11.70 10.81 3.56
CA GLY B 112 11.95 9.48 3.06
C GLY B 112 13.43 9.15 2.98
N ASN B 113 13.77 7.93 3.40
CA ASN B 113 15.13 7.40 3.30
C ASN B 113 15.10 6.28 2.27
N TYR B 114 15.81 6.48 1.15
CA TYR B 114 15.75 5.58 0.01
C TYR B 114 17.09 4.91 -0.25
N ASN B 115 17.87 4.67 0.80
CA ASN B 115 19.20 4.08 0.63
C ASN B 115 19.20 2.56 0.68
N TYR B 116 18.07 1.93 0.96
CA TYR B 116 17.98 0.49 1.08
C TYR B 116 17.19 -0.09 -0.10
N LEU B 117 17.72 -1.15 -0.70
CA LEU B 117 17.13 -1.77 -1.87
C LEU B 117 16.88 -3.25 -1.62
N TYR B 118 16.08 -3.84 -2.51
CA TYR B 118 15.79 -5.26 -2.46
C TYR B 118 15.39 -5.73 -3.85
N ARG B 119 15.58 -7.02 -4.10
CA ARG B 119 15.32 -7.60 -5.41
C ARG B 119 13.87 -8.07 -5.49
N LEU B 120 13.20 -7.73 -6.59
CA LEU B 120 11.78 -8.04 -6.78
C LEU B 120 11.54 -9.15 -7.79
N PHE B 121 12.35 -9.25 -8.84
CA PHE B 121 12.17 -10.25 -9.88
C PHE B 121 13.44 -11.09 -10.03
N ARG B 122 13.24 -12.38 -10.31
CA ARG B 122 14.35 -13.29 -10.55
C ARG B 122 13.82 -14.52 -11.28
N LYS B 123 14.68 -15.11 -12.11
CA LYS B 123 14.25 -16.24 -12.94
C LYS B 123 14.04 -17.50 -12.11
N SER B 124 14.78 -17.66 -11.02
CA SER B 124 14.68 -18.87 -10.21
C SER B 124 14.90 -18.51 -8.74
N ASN B 125 14.48 -19.42 -7.87
CA ASN B 125 14.65 -19.24 -6.44
C ASN B 125 16.11 -19.40 -6.05
N LEU B 126 16.50 -18.70 -4.99
CA LEU B 126 17.88 -18.74 -4.52
C LEU B 126 18.13 -20.01 -3.70
N LYS B 127 19.28 -20.62 -3.94
CA LYS B 127 19.74 -21.71 -3.10
C LYS B 127 20.15 -21.15 -1.75
N PRO B 128 20.21 -22.00 -0.72
CA PRO B 128 20.56 -21.50 0.62
C PRO B 128 21.89 -20.77 0.64
N PHE B 129 21.91 -19.62 1.33
CA PHE B 129 23.11 -18.80 1.49
C PHE B 129 23.69 -18.35 0.15
N GLU B 130 22.82 -18.01 -0.80
CA GLU B 130 23.26 -17.49 -2.07
C GLU B 130 23.11 -15.96 -2.09
N ARG B 131 24.03 -15.31 -2.80
CA ARG B 131 24.10 -13.86 -2.86
C ARG B 131 24.14 -13.43 -4.32
N ASP B 132 23.08 -12.79 -4.79
CA ASP B 132 22.98 -12.31 -6.16
C ASP B 132 23.01 -10.78 -6.15
N ILE B 133 23.96 -10.20 -6.88
CA ILE B 133 24.11 -8.76 -6.99
C ILE B 133 24.01 -8.27 -8.43
N SER B 134 23.64 -9.15 -9.36
CA SER B 134 23.56 -8.78 -10.76
C SER B 134 22.49 -7.71 -10.97
N THR B 135 22.76 -6.80 -11.90
CA THR B 135 21.84 -5.71 -12.24
C THR B 135 21.33 -5.86 -13.67
N GLU B 136 21.30 -7.09 -14.19
CA GLU B 136 20.76 -7.33 -15.52
C GLU B 136 19.25 -7.12 -15.53
N ILE B 137 18.75 -6.56 -16.62
CA ILE B 137 17.33 -6.22 -16.69
C ILE B 137 16.51 -7.49 -16.87
N TYR B 138 15.53 -7.67 -15.99
CA TYR B 138 14.71 -8.88 -16.02
C TYR B 138 13.81 -8.90 -17.24
N GLN B 139 13.60 -10.10 -17.79
CA GLN B 139 12.81 -10.30 -18.99
C GLN B 139 11.52 -11.03 -18.62
N ALA B 140 10.39 -10.45 -18.98
CA ALA B 140 9.09 -11.05 -18.70
C ALA B 140 8.37 -11.55 -19.96
N GLY B 141 8.68 -10.98 -21.13
CA GLY B 141 8.05 -11.38 -22.35
C GLY B 141 8.97 -12.17 -23.26
N SER B 142 8.92 -11.89 -24.56
CA SER B 142 9.76 -12.57 -25.54
C SER B 142 10.78 -11.67 -26.21
N THR B 143 10.47 -10.39 -26.38
CA THR B 143 11.43 -9.47 -27.00
C THR B 143 12.61 -9.25 -26.07
N PRO B 144 13.85 -9.36 -26.56
CA PRO B 144 15.01 -9.10 -25.70
C PRO B 144 15.04 -7.67 -25.21
N CYS B 145 15.57 -7.48 -24.00
CA CYS B 145 15.59 -6.16 -23.38
C CYS B 145 16.60 -5.24 -24.05
N ASN B 146 17.68 -5.79 -24.59
CA ASN B 146 18.74 -5.01 -25.24
C ASN B 146 19.38 -4.01 -24.28
N GLY B 147 19.34 -4.30 -22.99
CA GLY B 147 20.06 -3.49 -22.01
C GLY B 147 19.37 -2.21 -21.59
N VAL B 148 18.15 -1.95 -22.06
CA VAL B 148 17.42 -0.75 -21.70
C VAL B 148 16.05 -1.14 -21.15
N GLU B 149 15.58 -0.39 -20.15
CA GLU B 149 14.27 -0.66 -19.57
C GLU B 149 13.17 -0.31 -20.54
N GLY B 150 12.05 -1.03 -20.43
CA GLY B 150 10.92 -0.79 -21.30
C GLY B 150 9.76 -1.74 -21.07
N PHE B 151 9.03 -2.04 -22.15
CA PHE B 151 7.89 -2.94 -22.04
C PHE B 151 8.35 -4.36 -21.74
N ASN B 152 7.76 -4.96 -20.71
CA ASN B 152 8.08 -6.31 -20.25
C ASN B 152 9.54 -6.48 -19.87
N CYS B 153 10.23 -5.37 -19.57
CA CYS B 153 11.63 -5.40 -19.13
C CYS B 153 11.76 -4.46 -17.94
N TYR B 154 12.11 -5.00 -16.78
CA TYR B 154 12.12 -4.25 -15.54
C TYR B 154 13.49 -4.30 -14.88
N PHE B 155 13.91 -3.17 -14.32
CA PHE B 155 15.08 -3.15 -13.46
C PHE B 155 14.75 -3.93 -12.19
N PRO B 156 15.62 -4.86 -11.77
CA PRO B 156 15.23 -5.81 -10.72
C PRO B 156 15.14 -5.23 -9.32
N LEU B 157 16.01 -4.27 -9.00
CA LEU B 157 16.15 -3.78 -7.63
C LEU B 157 15.25 -2.57 -7.42
N GLN B 158 14.48 -2.61 -6.34
CA GLN B 158 13.59 -1.52 -5.96
C GLN B 158 13.93 -1.05 -4.55
N SER B 159 13.71 0.23 -4.30
CA SER B 159 14.14 0.87 -3.07
C SER B 159 13.00 0.92 -2.05
N TYR B 160 13.34 0.68 -0.78
CA TYR B 160 12.40 0.88 0.30
C TYR B 160 12.16 2.38 0.51
N GLY B 161 11.02 2.69 1.12
CA GLY B 161 10.73 4.04 1.56
C GLY B 161 10.37 4.07 3.03
N PHE B 162 11.22 4.69 3.84
CA PHE B 162 11.06 4.70 5.29
C PHE B 162 10.80 6.12 5.76
N GLN B 163 9.70 6.31 6.49
CA GLN B 163 9.33 7.58 7.09
C GLN B 163 9.01 7.36 8.56
N PRO B 164 9.20 8.38 9.40
CA PRO B 164 8.95 8.20 10.84
C PRO B 164 7.49 8.01 11.21
N THR B 165 6.56 8.18 10.26
CA THR B 165 5.14 8.11 10.56
C THR B 165 4.51 6.78 10.18
N ASN B 166 5.24 5.90 9.49
CA ASN B 166 4.69 4.65 9.02
C ASN B 166 4.31 3.73 10.19
N GLY B 167 3.59 2.67 9.87
CA GLY B 167 3.19 1.69 10.86
C GLY B 167 4.31 0.73 11.19
N VAL B 168 4.05 -0.09 12.23
CA VAL B 168 5.09 -0.98 12.75
C VAL B 168 5.55 -1.96 11.67
N GLY B 169 4.61 -2.45 10.86
CA GLY B 169 4.98 -3.38 9.81
C GLY B 169 5.73 -2.76 8.66
N TYR B 170 5.61 -1.45 8.46
CA TYR B 170 6.29 -0.74 7.39
C TYR B 170 7.56 -0.04 7.86
N GLN B 171 7.91 -0.14 9.13
CA GLN B 171 9.10 0.51 9.66
C GLN B 171 10.33 -0.40 9.48
N PRO B 172 11.52 0.19 9.37
CA PRO B 172 12.72 -0.62 9.16
C PRO B 172 13.05 -1.48 10.38
N TYR B 173 13.65 -2.64 10.10
CA TYR B 173 14.10 -3.57 11.13
C TYR B 173 15.48 -4.06 10.76
N ARG B 174 16.38 -4.08 11.73
CA ARG B 174 17.72 -4.61 11.54
C ARG B 174 17.74 -6.08 11.95
N VAL B 175 18.28 -6.92 11.08
CA VAL B 175 18.28 -8.37 11.25
C VAL B 175 19.71 -8.88 11.20
N VAL B 176 20.07 -9.68 12.19
CA VAL B 176 21.36 -10.36 12.28
C VAL B 176 21.10 -11.86 12.46
N VAL B 177 21.69 -12.67 11.58
CA VAL B 177 21.55 -14.12 11.61
C VAL B 177 22.90 -14.72 11.97
N LEU B 178 22.92 -15.57 12.99
CA LEU B 178 24.13 -16.23 13.46
C LEU B 178 24.06 -17.70 13.06
N SER B 179 25.04 -18.14 12.28
CA SER B 179 25.11 -19.53 11.82
C SER B 179 26.37 -20.17 12.35
N PHE B 180 26.23 -21.31 13.02
CA PHE B 180 27.35 -22.03 13.61
C PHE B 180 27.68 -23.22 12.73
N GLU C 1 25.57 -10.04 -19.54
CA GLU C 1 26.66 -10.83 -18.97
C GLU C 1 27.64 -9.94 -18.23
N VAL C 2 28.26 -10.48 -17.18
CA VAL C 2 29.23 -9.74 -16.39
C VAL C 2 30.56 -9.72 -17.13
N GLN C 3 31.11 -8.52 -17.32
CA GLN C 3 32.36 -8.37 -18.05
C GLN C 3 33.28 -7.41 -17.29
N LEU C 4 34.58 -7.67 -17.38
CA LEU C 4 35.61 -6.81 -16.84
C LEU C 4 36.56 -6.45 -17.97
N GLN C 5 36.58 -5.18 -18.36
CA GLN C 5 37.36 -4.72 -19.50
C GLN C 5 38.57 -3.94 -19.01
N GLN C 6 39.74 -4.30 -19.52
CA GLN C 6 41.00 -3.68 -19.12
C GLN C 6 41.54 -2.80 -20.24
N SER C 7 42.48 -1.94 -19.89
CA SER C 7 43.08 -1.01 -20.84
C SER C 7 44.10 -1.74 -21.72
N GLY C 8 44.56 -1.04 -22.76
CA GLY C 8 45.48 -1.60 -23.72
C GLY C 8 46.91 -1.63 -23.22
N ALA C 9 47.79 -2.13 -24.08
CA ALA C 9 49.20 -2.27 -23.73
C ALA C 9 49.86 -0.90 -23.57
N GLU C 10 50.82 -0.84 -22.65
CA GLU C 10 51.53 0.40 -22.35
C GLU C 10 53.02 0.15 -22.38
N LEU C 11 53.76 1.03 -23.05
CA LEU C 11 55.22 1.01 -23.06
C LEU C 11 55.72 2.06 -22.09
N VAL C 12 56.43 1.63 -21.06
CA VAL C 12 56.86 2.50 -19.98
C VAL C 12 58.39 2.49 -19.93
N LYS C 13 59.00 3.66 -20.07
CA LYS C 13 60.43 3.79 -19.87
C LYS C 13 60.75 3.59 -18.40
N PRO C 14 61.97 3.13 -18.09
CA PRO C 14 62.31 2.88 -16.68
C PRO C 14 62.19 4.13 -15.83
N GLY C 15 61.67 3.95 -14.61
CA GLY C 15 61.46 5.05 -13.70
C GLY C 15 60.21 5.86 -13.93
N ALA C 16 59.42 5.53 -14.95
CA ALA C 16 58.21 6.28 -15.26
C ALA C 16 57.01 5.67 -14.54
N SER C 17 55.81 6.10 -14.90
CA SER C 17 54.59 5.66 -14.24
C SER C 17 53.51 5.42 -15.27
N VAL C 18 52.51 4.63 -14.88
CA VAL C 18 51.38 4.31 -15.76
C VAL C 18 50.20 3.92 -14.88
N LYS C 19 49.00 4.30 -15.30
CA LYS C 19 47.78 3.98 -14.60
C LYS C 19 46.94 3.03 -15.46
N LEU C 20 46.56 1.89 -14.88
CA LEU C 20 45.75 0.90 -15.55
C LEU C 20 44.30 1.01 -15.09
N SER C 21 43.37 0.66 -15.97
CA SER C 21 41.95 0.78 -15.71
C SER C 21 41.26 -0.57 -15.87
N CYS C 22 40.29 -0.84 -15.00
CA CYS C 22 39.48 -2.06 -15.06
C CYS C 22 38.02 -1.64 -14.93
N THR C 23 37.31 -1.59 -16.05
CA THR C 23 35.92 -1.15 -16.09
C THR C 23 34.99 -2.35 -15.94
N ALA C 24 34.02 -2.23 -15.04
CA ALA C 24 33.11 -3.33 -14.73
C ALA C 24 31.73 -3.04 -15.28
N SER C 25 31.13 -4.06 -15.91
CA SER C 25 29.79 -3.97 -16.45
C SER C 25 29.00 -5.20 -16.00
N GLY C 26 27.71 -5.00 -15.75
CA GLY C 26 26.84 -6.05 -15.30
C GLY C 26 26.58 -6.07 -13.81
N PHE C 27 27.31 -5.29 -13.03
CA PHE C 27 27.12 -5.22 -11.59
C PHE C 27 27.71 -3.91 -11.09
N ASN C 28 27.41 -3.58 -9.84
CA ASN C 28 27.94 -2.39 -9.19
C ASN C 28 29.11 -2.79 -8.30
N ILE C 29 30.26 -2.15 -8.52
CA ILE C 29 31.48 -2.54 -7.81
C ILE C 29 31.42 -2.25 -6.32
N LYS C 30 30.47 -1.41 -5.89
CA LYS C 30 30.35 -1.09 -4.47
C LYS C 30 29.98 -2.30 -3.63
N ASP C 31 29.42 -3.35 -4.23
CA ASP C 31 28.91 -4.50 -3.50
C ASP C 31 29.93 -5.62 -3.31
N THR C 32 31.11 -5.52 -3.92
CA THR C 32 32.09 -6.60 -3.83
C THR C 32 33.49 -6.02 -3.76
N TYR C 33 34.46 -6.91 -3.58
CA TYR C 33 35.88 -6.57 -3.64
C TYR C 33 36.39 -6.70 -5.07
N MET C 34 37.53 -6.07 -5.33
CA MET C 34 38.24 -6.21 -6.59
C MET C 34 39.71 -6.49 -6.30
N ASN C 35 40.24 -7.53 -6.92
CA ASN C 35 41.60 -8.00 -6.67
C ASN C 35 42.48 -7.71 -7.87
N TRP C 36 43.79 -7.60 -7.62
CA TRP C 36 44.78 -7.39 -8.67
C TRP C 36 45.84 -8.48 -8.58
N VAL C 37 46.13 -9.11 -9.72
CA VAL C 37 47.05 -10.23 -9.80
C VAL C 37 48.02 -9.99 -10.94
N ARG C 38 49.27 -10.40 -10.75
CA ARG C 38 50.33 -10.20 -11.73
C ARG C 38 50.99 -11.52 -12.09
N GLN C 39 51.25 -11.72 -13.37
CA GLN C 39 51.91 -12.93 -13.87
C GLN C 39 53.07 -12.52 -14.76
N ARG C 40 54.29 -12.83 -14.34
CA ARG C 40 55.48 -12.56 -15.11
C ARG C 40 55.69 -13.64 -16.17
N PRO C 41 56.39 -13.33 -17.26
CA PRO C 41 56.60 -14.32 -18.32
C PRO C 41 57.27 -15.59 -17.80
N LYS C 42 56.65 -16.73 -18.11
CA LYS C 42 57.16 -18.04 -17.69
C LYS C 42 57.34 -18.11 -16.18
N GLN C 43 56.42 -17.50 -15.44
CA GLN C 43 56.43 -17.51 -13.98
C GLN C 43 55.02 -17.75 -13.47
N GLY C 44 54.88 -17.80 -12.16
CA GLY C 44 53.60 -18.05 -11.53
C GLY C 44 52.79 -16.79 -11.33
N LEU C 45 51.72 -16.92 -10.55
CA LEU C 45 50.80 -15.83 -10.27
C LEU C 45 51.08 -15.26 -8.88
N GLU C 46 51.02 -13.94 -8.76
CA GLU C 46 51.26 -13.24 -7.51
C GLU C 46 50.11 -12.28 -7.23
N TRP C 47 49.69 -12.24 -5.96
CA TRP C 47 48.60 -11.36 -5.54
C TRP C 47 49.17 -10.02 -5.09
N ILE C 48 48.59 -8.93 -5.60
CA ILE C 48 49.07 -7.59 -5.29
C ILE C 48 48.26 -7.00 -4.15
N GLY C 49 46.95 -6.86 -4.35
CA GLY C 49 46.12 -6.25 -3.33
C GLY C 49 44.66 -6.22 -3.75
N ARG C 50 43.85 -5.61 -2.89
CA ARG C 50 42.41 -5.55 -3.09
C ARG C 50 41.88 -4.24 -2.53
N ILE C 51 40.69 -3.85 -3.00
CA ILE C 51 40.03 -2.64 -2.56
C ILE C 51 38.54 -2.92 -2.39
N ASP C 52 37.94 -2.28 -1.39
CA ASP C 52 36.49 -2.31 -1.20
C ASP C 52 35.94 -0.95 -1.57
N PRO C 53 35.34 -0.79 -2.75
CA PRO C 53 34.90 0.54 -3.19
C PRO C 53 33.84 1.18 -2.30
N ALA C 54 33.18 0.39 -1.43
CA ALA C 54 32.14 0.97 -0.58
C ALA C 54 32.72 2.03 0.35
N ASN C 55 33.90 1.78 0.93
CA ASN C 55 34.54 2.72 1.83
C ASN C 55 35.96 3.09 1.45
N GLY C 56 36.58 2.37 0.52
CA GLY C 56 37.91 2.72 0.05
C GLY C 56 39.06 2.08 0.79
N ASN C 57 38.80 1.14 1.70
CA ASN C 57 39.87 0.46 2.41
C ASN C 57 40.60 -0.50 1.48
N THR C 58 41.91 -0.61 1.65
CA THR C 58 42.76 -1.40 0.77
C THR C 58 43.68 -2.30 1.59
N LYS C 59 44.04 -3.43 1.01
CA LYS C 59 45.02 -4.34 1.56
C LYS C 59 46.09 -4.59 0.50
N TYR C 60 47.32 -4.86 0.94
CA TYR C 60 48.43 -5.03 0.03
C TYR C 60 49.34 -6.17 0.46
N ASP C 61 49.98 -6.79 -0.52
CA ASP C 61 51.13 -7.65 -0.27
C ASP C 61 52.31 -6.75 0.06
N PRO C 62 52.99 -6.94 1.20
CA PRO C 62 53.95 -5.91 1.65
C PRO C 62 55.18 -5.77 0.78
N LYS C 63 55.48 -6.73 -0.10
CA LYS C 63 56.58 -6.55 -1.04
C LYS C 63 56.21 -5.59 -2.17
N PHE C 64 54.92 -5.31 -2.37
CA PHE C 64 54.47 -4.32 -3.32
C PHE C 64 54.13 -2.98 -2.67
N GLN C 65 54.45 -2.82 -1.40
CA GLN C 65 54.14 -1.57 -0.69
C GLN C 65 54.99 -0.44 -1.24
N GLY C 66 54.35 0.69 -1.54
CA GLY C 66 55.03 1.83 -2.10
C GLY C 66 55.22 1.79 -3.61
N LYS C 67 54.85 0.69 -4.26
CA LYS C 67 54.97 0.54 -5.70
C LYS C 67 53.63 0.64 -6.42
N ALA C 68 52.55 0.18 -5.78
CA ALA C 68 51.23 0.15 -6.40
C ALA C 68 50.20 0.80 -5.48
N THR C 69 49.23 1.48 -6.09
CA THR C 69 48.13 2.10 -5.37
C THR C 69 46.83 1.82 -6.09
N ILE C 70 45.81 1.44 -5.34
CA ILE C 70 44.52 1.02 -5.91
C ILE C 70 43.48 2.07 -5.57
N THR C 71 42.73 2.51 -6.59
CA THR C 71 41.68 3.50 -6.42
C THR C 71 40.46 3.05 -7.21
N ALA C 72 39.28 3.38 -6.68
CA ALA C 72 38.03 3.00 -7.32
C ALA C 72 37.07 4.19 -7.31
N ASP C 73 36.38 4.40 -8.43
CA ASP C 73 35.37 5.44 -8.55
C ASP C 73 34.03 4.76 -8.77
N THR C 74 33.13 4.90 -7.79
CA THR C 74 31.84 4.22 -7.88
C THR C 74 30.92 4.84 -8.92
N SER C 75 31.06 6.14 -9.17
CA SER C 75 30.20 6.78 -10.16
C SER C 75 30.46 6.26 -11.56
N SER C 76 31.73 6.05 -11.91
CA SER C 76 32.10 5.58 -13.24
C SER C 76 32.27 4.07 -13.29
N ASN C 77 32.22 3.37 -12.16
CA ASN C 77 32.36 1.92 -12.10
C ASN C 77 33.70 1.46 -12.70
N ILE C 78 34.77 2.14 -12.29
CA ILE C 78 36.12 1.85 -12.79
C ILE C 78 37.06 1.72 -11.60
N ALA C 79 37.91 0.69 -11.66
CA ALA C 79 38.97 0.48 -10.68
C ALA C 79 40.31 0.81 -11.32
N TYR C 80 41.18 1.46 -10.55
CA TYR C 80 42.45 1.95 -11.06
C TYR C 80 43.60 1.33 -10.29
N LEU C 81 44.70 1.08 -10.99
CA LEU C 81 45.96 0.64 -10.38
C LEU C 81 47.08 1.53 -10.89
N GLN C 82 47.77 2.19 -9.98
CA GLN C 82 48.85 3.11 -10.33
C GLN C 82 50.19 2.48 -9.96
N LEU C 83 51.11 2.43 -10.92
CA LEU C 83 52.43 1.88 -10.73
C LEU C 83 53.46 2.98 -10.94
N SER C 84 54.39 3.10 -10.00
CA SER C 84 55.43 4.13 -10.07
C SER C 84 56.77 3.51 -9.70
N GLY C 85 57.84 4.10 -10.23
CA GLY C 85 59.16 3.56 -10.02
C GLY C 85 59.38 2.21 -10.67
N LEU C 86 58.90 2.04 -11.90
CA LEU C 86 58.98 0.75 -12.56
C LEU C 86 60.41 0.42 -12.97
N THR C 87 60.75 -0.86 -12.88
CA THR C 87 62.04 -1.38 -13.33
C THR C 87 61.79 -2.41 -14.42
N SER C 88 62.89 -2.96 -14.95
CA SER C 88 62.79 -3.95 -16.02
C SER C 88 62.21 -5.28 -15.53
N GLU C 89 62.11 -5.47 -14.21
CA GLU C 89 61.56 -6.70 -13.66
C GLU C 89 60.06 -6.63 -13.46
N ASP C 90 59.42 -5.53 -13.83
CA ASP C 90 57.97 -5.38 -13.69
C ASP C 90 57.23 -5.64 -15.00
N THR C 91 57.92 -6.16 -16.01
CA THR C 91 57.29 -6.51 -17.27
C THR C 91 56.44 -7.77 -17.06
N ALA C 92 55.12 -7.62 -17.16
CA ALA C 92 54.20 -8.73 -16.89
C ALA C 92 52.82 -8.33 -17.39
N VAL C 93 51.86 -9.23 -17.21
CA VAL C 93 50.47 -9.00 -17.56
C VAL C 93 49.68 -8.88 -16.27
N TYR C 94 48.91 -7.80 -16.14
CA TYR C 94 48.19 -7.47 -14.92
C TYR C 94 46.71 -7.79 -15.06
N TYR C 95 46.16 -8.48 -14.07
CA TYR C 95 44.79 -8.94 -14.09
C TYR C 95 43.98 -8.26 -12.99
N CYS C 96 42.73 -7.96 -13.30
CA CYS C 96 41.74 -7.56 -12.30
C CYS C 96 40.67 -8.64 -12.23
N ALA C 97 40.43 -9.16 -11.04
CA ALA C 97 39.55 -10.31 -10.87
C ALA C 97 38.53 -10.03 -9.78
N ARG C 98 37.40 -10.71 -9.86
CA ARG C 98 36.31 -10.60 -8.90
C ARG C 98 35.95 -12.00 -8.40
N PHE C 99 36.67 -12.46 -7.38
CA PHE C 99 36.22 -13.64 -6.65
C PHE C 99 35.08 -13.25 -5.72
N ASP C 100 34.22 -14.22 -5.42
CA ASP C 100 33.11 -13.99 -4.50
C ASP C 100 33.18 -14.92 -3.29
N TYR C 101 34.10 -15.88 -3.29
CA TYR C 101 34.31 -16.74 -2.12
C TYR C 101 35.26 -16.12 -1.10
N ASP C 102 35.84 -14.96 -1.41
CA ASP C 102 36.61 -14.20 -0.44
C ASP C 102 35.71 -13.41 0.50
N GLY C 103 34.41 -13.36 0.23
CA GLY C 103 33.45 -12.81 1.15
C GLY C 103 32.72 -13.93 1.88
N TYR C 104 33.22 -15.15 1.69
CA TYR C 104 32.73 -16.34 2.40
C TYR C 104 31.27 -16.63 2.08
N TYR C 105 30.89 -16.50 0.80
CA TYR C 105 29.56 -16.85 0.35
C TYR C 105 29.57 -18.22 -0.32
N VAL C 106 28.37 -18.66 -0.70
CA VAL C 106 28.16 -20.00 -1.26
C VAL C 106 27.48 -19.86 -2.61
N HIS C 107 27.76 -20.81 -3.50
CA HIS C 107 27.19 -20.85 -4.85
C HIS C 107 27.56 -19.57 -5.62
N VAL C 108 28.86 -19.40 -5.82
CA VAL C 108 29.41 -18.20 -6.42
C VAL C 108 30.32 -18.58 -7.58
N MET C 109 30.60 -17.60 -8.43
CA MET C 109 31.45 -17.77 -9.60
C MET C 109 32.46 -16.63 -9.65
N ASP C 110 33.60 -16.90 -10.27
CA ASP C 110 34.66 -15.92 -10.41
C ASP C 110 34.61 -15.27 -11.79
N TYR C 111 35.05 -14.01 -11.84
CA TYR C 111 35.11 -13.25 -13.08
C TYR C 111 36.48 -12.61 -13.18
N TRP C 112 37.16 -12.82 -14.31
CA TRP C 112 38.47 -12.25 -14.53
C TRP C 112 38.44 -11.26 -15.70
N GLY C 113 39.59 -10.63 -15.95
CA GLY C 113 39.76 -9.75 -17.07
C GLY C 113 40.59 -10.39 -18.18
N GLN C 114 40.89 -9.57 -19.19
CA GLN C 114 41.66 -10.05 -20.33
C GLN C 114 43.16 -9.82 -20.17
N GLY C 115 43.59 -8.93 -19.28
CA GLY C 115 44.99 -8.73 -19.03
C GLY C 115 45.59 -7.60 -19.84
N THR C 116 46.40 -6.77 -19.21
CA THR C 116 47.09 -5.66 -19.87
C THR C 116 48.58 -5.93 -19.85
N SER C 117 49.20 -5.89 -21.03
CA SER C 117 50.62 -6.15 -21.16
C SER C 117 51.39 -4.85 -20.99
N VAL C 118 52.27 -4.80 -19.99
CA VAL C 118 53.08 -3.63 -19.69
C VAL C 118 54.53 -4.01 -19.88
N THR C 119 55.21 -3.30 -20.77
CA THR C 119 56.60 -3.56 -21.10
C THR C 119 57.47 -2.41 -20.62
N VAL C 120 58.59 -2.74 -19.98
CA VAL C 120 59.51 -1.72 -19.49
C VAL C 120 60.90 -1.94 -20.05
N ASP D 1 54.15 -14.70 6.33
CA ASP D 1 53.55 -15.09 5.06
C ASP D 1 53.43 -16.61 4.97
N ILE D 2 52.23 -17.07 4.64
CA ILE D 2 51.96 -18.51 4.56
C ILE D 2 52.55 -19.03 3.27
N LYS D 3 53.73 -19.65 3.35
CA LYS D 3 54.36 -20.25 2.18
C LYS D 3 53.55 -21.46 1.74
N MET D 4 53.40 -21.64 0.44
CA MET D 4 52.53 -22.65 -0.14
C MET D 4 53.35 -23.56 -1.03
N THR D 5 53.14 -24.87 -0.90
CA THR D 5 53.91 -25.87 -1.64
C THR D 5 52.98 -26.71 -2.51
N GLN D 6 53.45 -27.00 -3.73
CA GLN D 6 52.72 -27.82 -4.68
C GLN D 6 53.63 -28.90 -5.23
N SER D 7 53.04 -30.05 -5.56
CA SER D 7 53.77 -31.17 -6.13
C SER D 7 52.81 -32.10 -6.84
N PRO D 8 53.21 -32.72 -7.96
CA PRO D 8 54.49 -32.57 -8.66
C PRO D 8 54.50 -31.35 -9.58
N SER D 9 55.67 -30.95 -10.07
CA SER D 9 55.75 -29.78 -10.94
C SER D 9 55.21 -30.08 -12.33
N SER D 10 55.48 -31.29 -12.85
CA SER D 10 55.01 -31.66 -14.18
C SER D 10 54.87 -33.16 -14.26
N MET D 11 53.84 -33.61 -14.98
CA MET D 11 53.61 -35.04 -15.16
C MET D 11 52.90 -35.26 -16.48
N TYR D 12 52.99 -36.48 -16.98
CA TYR D 12 52.30 -36.90 -18.20
C TYR D 12 51.27 -37.96 -17.86
N ALA D 13 50.13 -37.91 -18.55
CA ALA D 13 49.07 -38.88 -18.35
C ALA D 13 48.31 -39.07 -19.65
N SER D 14 47.91 -40.32 -19.90
CA SER D 14 47.15 -40.65 -21.09
C SER D 14 45.67 -40.34 -20.89
N LEU D 15 44.91 -40.49 -21.96
CA LEU D 15 43.47 -40.24 -21.89
C LEU D 15 42.79 -41.28 -21.01
N GLY D 16 41.96 -40.82 -20.08
CA GLY D 16 41.26 -41.68 -19.17
C GLY D 16 41.98 -42.02 -17.88
N GLU D 17 43.25 -41.64 -17.75
CA GLU D 17 43.99 -41.91 -16.54
C GLU D 17 43.68 -40.87 -15.47
N ARG D 18 43.67 -41.32 -14.21
CA ARG D 18 43.40 -40.44 -13.09
C ARG D 18 44.69 -39.76 -12.62
N VAL D 19 44.55 -38.52 -12.17
CA VAL D 19 45.69 -37.68 -11.78
C VAL D 19 45.34 -36.96 -10.49
N THR D 20 46.28 -36.98 -9.54
CA THR D 20 46.13 -36.28 -8.26
C THR D 20 47.25 -35.27 -8.10
N ILE D 21 46.90 -34.08 -7.62
CA ILE D 21 47.85 -33.00 -7.38
C ILE D 21 47.77 -32.62 -5.91
N THR D 22 48.93 -32.48 -5.27
CA THR D 22 49.01 -32.22 -3.84
C THR D 22 49.24 -30.74 -3.58
N CYS D 23 48.61 -30.21 -2.54
CA CYS D 23 48.68 -28.79 -2.20
C CYS D 23 48.77 -28.68 -0.69
N LYS D 24 49.95 -28.31 -0.18
CA LYS D 24 50.24 -28.31 1.24
C LYS D 24 50.65 -26.91 1.70
N ALA D 25 50.15 -26.51 2.86
CA ALA D 25 50.39 -25.20 3.42
C ALA D 25 51.29 -25.29 4.65
N SER D 26 51.81 -24.13 5.07
CA SER D 26 52.72 -24.08 6.21
C SER D 26 52.00 -24.11 7.55
N GLN D 27 50.70 -23.82 7.57
CA GLN D 27 49.94 -23.84 8.81
C GLN D 27 48.46 -24.01 8.47
N ASP D 28 47.65 -24.18 9.50
CA ASP D 28 46.22 -24.40 9.31
C ASP D 28 45.58 -23.18 8.66
N ILE D 29 44.72 -23.43 7.67
CA ILE D 29 44.04 -22.37 6.93
C ILE D 29 42.53 -22.56 6.92
N ASN D 30 42.02 -23.49 7.73
CA ASN D 30 40.57 -23.69 7.91
C ASN D 30 39.86 -23.99 6.60
N SER D 31 40.52 -24.78 5.74
CA SER D 31 39.92 -25.28 4.50
C SER D 31 39.46 -24.17 3.57
N TYR D 32 40.17 -23.03 3.60
CA TYR D 32 39.89 -21.92 2.68
C TYR D 32 40.90 -21.98 1.54
N LEU D 33 40.64 -22.88 0.60
CA LEU D 33 41.53 -23.11 -0.54
C LEU D 33 40.72 -23.11 -1.82
N SER D 34 41.35 -22.61 -2.90
CA SER D 34 40.72 -22.54 -4.20
C SER D 34 41.68 -23.09 -5.26
N TRP D 35 41.10 -23.65 -6.33
CA TRP D 35 41.87 -24.26 -7.40
C TRP D 35 41.63 -23.53 -8.71
N PHE D 36 42.70 -23.30 -9.46
CA PHE D 36 42.65 -22.60 -10.73
C PHE D 36 43.21 -23.48 -11.84
N GLN D 37 42.69 -23.27 -13.04
CA GLN D 37 43.20 -23.90 -14.25
C GLN D 37 43.38 -22.83 -15.33
N GLN D 38 44.55 -22.83 -15.96
CA GLN D 38 44.87 -21.84 -16.98
C GLN D 38 45.31 -22.54 -18.26
N LYS D 39 44.52 -22.39 -19.31
CA LYS D 39 44.84 -22.88 -20.64
C LYS D 39 45.86 -21.96 -21.30
N PRO D 40 46.56 -22.45 -22.32
CA PRO D 40 47.61 -21.62 -22.96
C PRO D 40 47.04 -20.34 -23.55
N GLY D 41 47.57 -19.21 -23.09
CA GLY D 41 47.19 -17.91 -23.60
C GLY D 41 45.90 -17.34 -23.05
N LYS D 42 45.24 -18.02 -22.12
CA LYS D 42 43.96 -17.59 -21.59
C LYS D 42 44.12 -17.18 -20.13
N SER D 43 43.06 -16.55 -19.60
CA SER D 43 43.03 -16.14 -18.21
C SER D 43 42.65 -17.30 -17.29
N PRO D 44 43.08 -17.27 -16.04
CA PRO D 44 42.74 -18.36 -15.12
C PRO D 44 41.26 -18.42 -14.81
N LYS D 45 40.80 -19.62 -14.47
CA LYS D 45 39.42 -19.87 -14.09
C LYS D 45 39.39 -20.70 -12.82
N THR D 46 38.48 -20.36 -11.91
CA THR D 46 38.35 -21.07 -10.65
C THR D 46 37.54 -22.35 -10.85
N LEU D 47 38.05 -23.47 -10.37
CA LEU D 47 37.37 -24.75 -10.49
C LEU D 47 36.70 -25.17 -9.19
N ILE D 48 37.41 -25.08 -8.08
CA ILE D 48 36.93 -25.52 -6.78
C ILE D 48 37.24 -24.45 -5.74
N TYR D 49 36.26 -24.16 -4.89
CA TYR D 49 36.46 -23.29 -3.73
C TYR D 49 35.96 -24.00 -2.50
N ARG D 50 36.49 -23.61 -1.34
CA ARG D 50 36.23 -24.26 -0.06
C ARG D 50 36.72 -25.71 -0.04
N ALA D 51 37.50 -26.09 -1.04
CA ALA D 51 38.24 -27.34 -1.13
C ALA D 51 37.37 -28.56 -1.44
N ASN D 52 36.04 -28.42 -1.44
CA ASN D 52 35.20 -29.51 -1.93
C ASN D 52 33.96 -29.03 -2.68
N ARG D 53 33.89 -27.76 -3.07
CA ARG D 53 32.69 -27.22 -3.70
C ARG D 53 33.00 -26.87 -5.16
N LEU D 54 32.14 -27.33 -6.05
CA LEU D 54 32.32 -27.14 -7.49
C LEU D 54 31.57 -25.89 -7.96
N VAL D 55 32.22 -25.14 -8.86
CA VAL D 55 31.57 -24.02 -9.51
C VAL D 55 30.55 -24.56 -10.51
N ASP D 56 29.38 -23.93 -10.57
CA ASP D 56 28.33 -24.36 -11.47
C ASP D 56 28.82 -24.37 -12.91
N GLY D 57 28.51 -25.45 -13.63
CA GLY D 57 28.94 -25.62 -15.00
C GLY D 57 30.20 -26.44 -15.18
N VAL D 58 30.94 -26.69 -14.11
CA VAL D 58 32.17 -27.47 -14.16
C VAL D 58 31.82 -28.95 -14.28
N PRO D 59 32.54 -29.72 -15.10
CA PRO D 59 32.24 -31.15 -15.21
C PRO D 59 32.38 -31.86 -13.86
N SER D 60 31.52 -32.87 -13.65
CA SER D 60 31.51 -33.60 -12.40
C SER D 60 32.72 -34.50 -12.21
N ARG D 61 33.55 -34.68 -13.24
CA ARG D 61 34.74 -35.50 -13.10
C ARG D 61 35.75 -34.87 -12.17
N PHE D 62 35.64 -33.56 -11.95
CA PHE D 62 36.54 -32.87 -11.03
C PHE D 62 36.12 -33.11 -9.59
N SER D 63 37.10 -33.22 -8.70
CA SER D 63 36.83 -33.43 -7.28
C SER D 63 37.98 -32.86 -6.47
N GLY D 64 37.70 -32.51 -5.23
CA GLY D 64 38.70 -31.98 -4.33
C GLY D 64 38.42 -32.39 -2.91
N SER D 65 39.49 -32.54 -2.13
CA SER D 65 39.38 -32.98 -0.76
C SER D 65 40.60 -32.52 0.02
N GLY D 66 40.49 -32.56 1.34
CA GLY D 66 41.57 -32.19 2.23
C GLY D 66 41.10 -31.34 3.38
N SER D 67 41.92 -31.32 4.43
CA SER D 67 41.65 -30.54 5.62
C SER D 67 42.97 -30.26 6.32
N GLY D 68 42.94 -29.25 7.20
CA GLY D 68 44.14 -28.88 7.92
C GLY D 68 45.19 -28.23 7.04
N GLN D 69 46.28 -28.95 6.80
CA GLN D 69 47.38 -28.45 5.98
C GLN D 69 47.59 -29.26 4.71
N ASP D 70 46.83 -30.32 4.48
CA ASP D 70 46.96 -31.15 3.29
C ASP D 70 45.68 -31.07 2.48
N TYR D 71 45.81 -30.72 1.20
CA TYR D 71 44.68 -30.64 0.28
C TYR D 71 45.10 -31.23 -1.05
N SER D 72 44.10 -31.67 -1.83
CA SER D 72 44.39 -32.38 -3.08
C SER D 72 43.27 -32.14 -4.08
N LEU D 73 43.61 -32.36 -5.35
CA LEU D 73 42.66 -32.27 -6.46
C LEU D 73 42.83 -33.50 -7.34
N THR D 74 41.71 -34.09 -7.75
CA THR D 74 41.72 -35.34 -8.49
C THR D 74 40.85 -35.24 -9.73
N ILE D 75 41.35 -35.73 -10.86
CA ILE D 75 40.60 -35.83 -12.10
C ILE D 75 40.47 -37.30 -12.46
N ASN D 76 39.24 -37.74 -12.74
CA ASN D 76 39.00 -39.16 -12.96
C ASN D 76 39.35 -39.58 -14.40
N SER D 77 38.66 -39.00 -15.38
CA SER D 77 38.83 -39.37 -16.78
C SER D 77 39.45 -38.17 -17.51
N LEU D 78 40.78 -38.15 -17.54
CA LEU D 78 41.49 -37.04 -18.18
C LEU D 78 41.18 -37.01 -19.68
N GLU D 79 40.90 -35.82 -20.19
CA GLU D 79 40.60 -35.61 -21.59
C GLU D 79 41.59 -34.62 -22.20
N TYR D 80 41.36 -34.26 -23.46
CA TYR D 80 42.25 -33.33 -24.15
C TYR D 80 42.18 -31.94 -23.53
N GLU D 81 40.99 -31.51 -23.13
CA GLU D 81 40.76 -30.16 -22.63
C GLU D 81 41.20 -29.96 -21.18
N ASP D 82 41.98 -30.89 -20.62
CA ASP D 82 42.45 -30.78 -19.25
C ASP D 82 43.92 -30.41 -19.15
N MET D 83 44.61 -30.24 -20.27
CA MET D 83 46.00 -29.80 -20.23
C MET D 83 46.07 -28.33 -19.85
N GLY D 84 47.13 -27.97 -19.15
CA GLY D 84 47.35 -26.61 -18.71
C GLY D 84 48.15 -26.58 -17.44
N ILE D 85 48.16 -25.42 -16.79
CA ILE D 85 48.86 -25.21 -15.53
C ILE D 85 47.81 -25.06 -14.43
N TYR D 86 48.03 -25.75 -13.31
CA TYR D 86 47.09 -25.75 -12.20
C TYR D 86 47.73 -25.08 -10.98
N TYR D 87 46.95 -24.22 -10.32
CA TYR D 87 47.39 -23.48 -9.14
C TYR D 87 46.37 -23.69 -8.03
N CYS D 88 46.84 -23.58 -6.78
CA CYS D 88 45.95 -23.56 -5.63
C CYS D 88 46.28 -22.34 -4.77
N LEU D 89 45.24 -21.70 -4.24
CA LEU D 89 45.36 -20.42 -3.55
C LEU D 89 44.73 -20.50 -2.17
N GLN D 90 45.33 -19.80 -1.21
CA GLN D 90 44.79 -19.64 0.12
C GLN D 90 44.33 -18.20 0.32
N TYR D 91 43.20 -18.04 1.01
CA TYR D 91 42.62 -16.71 1.22
C TYR D 91 42.10 -16.57 2.65
N ASP D 92 42.72 -17.30 3.58
CA ASP D 92 42.35 -17.23 4.99
C ASP D 92 42.92 -16.00 5.68
N GLU D 93 44.21 -15.74 5.50
CA GLU D 93 44.88 -14.61 6.13
C GLU D 93 45.67 -13.83 5.08
N PHE D 94 45.65 -12.51 5.21
CA PHE D 94 46.38 -11.66 4.28
C PHE D 94 47.89 -11.81 4.48
N PRO D 95 48.68 -11.71 3.41
CA PRO D 95 48.28 -11.56 2.00
C PRO D 95 47.93 -12.90 1.36
N PHE D 96 47.17 -12.89 0.28
CA PHE D 96 46.83 -14.14 -0.41
C PHE D 96 48.06 -14.70 -1.10
N THR D 97 48.22 -16.02 -1.05
CA THR D 97 49.39 -16.70 -1.59
C THR D 97 48.96 -17.75 -2.60
N PHE D 98 49.58 -17.74 -3.77
CA PHE D 98 49.35 -18.74 -4.80
C PHE D 98 50.36 -19.87 -4.66
N GLY D 99 50.23 -20.87 -5.53
CA GLY D 99 51.19 -21.95 -5.62
C GLY D 99 52.17 -21.76 -6.77
N SER D 100 53.14 -22.67 -6.83
CA SER D 100 54.13 -22.61 -7.90
C SER D 100 53.59 -23.09 -9.23
N GLY D 101 52.58 -23.95 -9.24
CA GLY D 101 51.98 -24.39 -10.46
C GLY D 101 52.40 -25.80 -10.85
N THR D 102 51.48 -26.53 -11.47
CA THR D 102 51.72 -27.88 -11.96
C THR D 102 51.28 -27.96 -13.41
N LYS D 103 52.19 -28.39 -14.27
CA LYS D 103 51.94 -28.47 -15.71
C LYS D 103 51.56 -29.91 -16.07
N LEU D 104 50.46 -30.07 -16.79
CA LEU D 104 49.94 -31.38 -17.16
C LEU D 104 49.96 -31.53 -18.67
N GLU D 105 50.52 -32.64 -19.15
CA GLU D 105 50.66 -32.90 -20.56
C GLU D 105 50.14 -34.30 -20.87
N ILE D 106 49.83 -34.53 -22.14
CA ILE D 106 49.25 -35.78 -22.62
C ILE D 106 50.28 -36.51 -23.48
N LYS D 107 50.50 -37.78 -23.18
CA LYS D 107 51.43 -38.60 -23.96
C LYS D 107 50.91 -38.82 -25.38
ZN ZN E . -19.19 8.48 7.13
C1 NAG F . -19.43 -5.77 29.28
C2 NAG F . -20.44 -4.76 29.84
C3 NAG F . -19.81 -3.95 30.96
C4 NAG F . -19.22 -4.87 32.03
C5 NAG F . -18.26 -5.86 31.38
C6 NAG F . -17.72 -6.88 32.35
C7 NAG F . -22.21 -3.52 28.69
C8 NAG F . -22.55 -2.60 27.55
N2 NAG F . -20.94 -3.89 28.79
O3 NAG F . -20.81 -3.12 31.54
O4 NAG F . -18.53 -4.10 33.00
O5 NAG F . -18.94 -6.58 30.34
O6 NAG F . -18.73 -7.79 32.76
O7 NAG F . -23.07 -3.89 29.49
C1 NAG G . -4.65 -15.96 -8.64
C2 NAG G . -5.01 -17.33 -8.09
C3 NAG G . -4.67 -17.41 -6.60
C4 NAG G . -3.21 -17.04 -6.38
C5 NAG G . -2.91 -15.68 -6.99
C6 NAG G . -1.46 -15.30 -6.91
C7 NAG G . -6.85 -18.71 -8.94
C8 NAG G . -8.34 -18.86 -9.07
N2 NAG G . -6.41 -17.62 -8.31
O3 NAG G . -4.91 -18.74 -6.13
O4 NAG G . -2.93 -16.99 -4.98
O5 NAG G . -3.25 -15.69 -8.38
O6 NAG G . -1.09 -14.44 -7.98
O7 NAG G . -6.07 -19.55 -9.39
C1 NAG H . 25.82 -1.38 21.56
C2 NAG H . 26.31 -2.53 22.46
C3 NAG H . 25.48 -2.57 23.75
C4 NAG H . 25.49 -1.21 24.42
C5 NAG H . 25.04 -0.13 23.45
C6 NAG H . 25.12 1.26 24.03
C7 NAG H . 26.97 -4.86 22.09
C8 NAG H . 26.76 -6.10 21.26
N2 NAG H . 26.22 -3.80 21.76
O3 NAG H . 26.02 -3.56 24.62
O4 NAG H . 24.63 -1.23 25.56
O5 NAG H . 25.87 -0.14 22.28
O6 NAG H . 26.31 1.92 23.61
O7 NAG H . 27.78 -4.82 23.00
#